data_2H63
#
_entry.id   2H63
#
_cell.length_a   90.787
_cell.length_b   92.747
_cell.length_c   147.755
_cell.angle_alpha   90.00
_cell.angle_beta   90.00
_cell.angle_gamma   90.00
#
_symmetry.space_group_name_H-M   'P 21 21 21'
#
loop_
_entity.id
_entity.type
_entity.pdbx_description
1 polymer 'Biliverdin reductase A'
2 non-polymer 'NADP NICOTINAMIDE-ADENINE-DINUCLEOTIDE PHOSPHATE'
3 water water
#
_entity_poly.entity_id   1
_entity_poly.type   'polypeptide(L)'
_entity_poly.pdbx_seq_one_letter_code
;SMRKFGVVVVGVGRAGSVRMRDLRNPHPSSAFLNLIGFVSRRELGSIDGVQQISLEDALSSQEVEVAYICSESSSHEDYI
RQFLNAGKHVLVEYPMTLSLAAAQELWELAEQKGKVLHEEHVELLMEEFAFLKKEVVGKDLLKGSLLFTAGPLEEERFGF
PAFSGISRLTWLVSLFGELSLVSATLEERKEDQYMKMTVCLETEKKSPLSWIEEKGPGLKRNRYLSFHFKSGSLENVPNV
GVNKNIFLKDQNIFVQKLLGQFSEKELAAEKKRILHCLGLAEEIQKYCCSRK
;
_entity_poly.pdbx_strand_id   A,B,C,D
#
# COMPACT_ATOMS: atom_id res chain seq x y z
N MET A 2 36.18 -3.64 -8.19
CA MET A 2 35.13 -4.45 -7.52
C MET A 2 34.24 -5.23 -8.55
N ARG A 3 34.46 -6.56 -8.65
CA ARG A 3 33.69 -7.64 -9.39
C ARG A 3 32.23 -7.90 -8.92
N LYS A 4 31.26 -7.34 -9.63
CA LYS A 4 29.84 -7.49 -9.27
C LYS A 4 29.02 -8.38 -10.21
N PHE A 5 28.12 -9.18 -9.64
CA PHE A 5 27.20 -9.99 -10.43
C PHE A 5 26.08 -9.12 -11.02
N GLY A 6 25.78 -9.36 -12.29
CA GLY A 6 24.65 -8.71 -12.96
C GLY A 6 23.30 -9.27 -12.56
N VAL A 7 22.40 -8.38 -12.10
CA VAL A 7 21.10 -8.81 -11.61
C VAL A 7 19.99 -8.18 -12.42
N VAL A 8 18.95 -8.98 -12.65
CA VAL A 8 17.69 -8.45 -13.19
C VAL A 8 16.54 -8.95 -12.31
N VAL A 9 15.59 -8.07 -12.06
CA VAL A 9 14.48 -8.36 -11.17
C VAL A 9 13.27 -8.56 -12.07
N VAL A 10 12.70 -9.76 -12.02
CA VAL A 10 11.54 -10.11 -12.86
C VAL A 10 10.25 -10.01 -12.06
N GLY A 11 9.35 -9.11 -12.47
CA GLY A 11 8.07 -8.87 -11.78
C GLY A 11 8.20 -7.73 -10.79
N VAL A 12 7.74 -6.54 -11.16
CA VAL A 12 7.92 -5.35 -10.35
C VAL A 12 6.64 -5.11 -9.54
N GLY A 13 6.40 -5.96 -8.54
CA GLY A 13 5.31 -5.81 -7.58
C GLY A 13 5.85 -5.38 -6.22
N ARG A 14 5.11 -5.72 -5.16
CA ARG A 14 5.53 -5.46 -3.78
C ARG A 14 6.91 -6.05 -3.56
N ALA A 15 7.01 -7.37 -3.69
CA ALA A 15 8.31 -8.03 -3.54
C ALA A 15 9.39 -7.40 -4.43
N GLY A 16 9.06 -7.18 -5.70
CA GLY A 16 10.05 -6.64 -6.63
C GLY A 16 10.58 -5.25 -6.27
N SER A 17 9.71 -4.41 -5.78
CA SER A 17 10.13 -3.07 -5.49
C SER A 17 11.12 -3.11 -4.35
N VAL A 18 10.81 -3.87 -3.31
CA VAL A 18 11.72 -3.98 -2.18
C VAL A 18 13.10 -4.47 -2.62
N ARG A 19 13.16 -5.45 -3.49
CA ARG A 19 14.45 -5.91 -3.98
C ARG A 19 15.19 -4.81 -4.71
N MET A 20 14.52 -4.07 -5.57
CA MET A 20 15.22 -3.01 -6.34
C MET A 20 15.78 -1.92 -5.42
N ARG A 21 14.98 -1.56 -4.44
CA ARG A 21 15.37 -0.56 -3.49
C ARG A 21 16.57 -1.04 -2.68
N ASP A 22 16.59 -2.30 -2.29
CA ASP A 22 17.72 -2.87 -1.55
C ASP A 22 18.98 -2.96 -2.41
N LEU A 23 18.82 -3.31 -3.68
CA LEU A 23 19.95 -3.33 -4.61
C LEU A 23 20.54 -1.92 -4.81
N ARG A 24 19.67 -0.94 -4.94
CA ARG A 24 20.11 0.40 -5.21
C ARG A 24 20.68 1.12 -3.99
N ASN A 25 20.35 0.69 -2.78
CA ASN A 25 20.95 1.31 -1.59
C ASN A 25 22.23 0.64 -1.17
N PRO A 26 23.09 1.39 -0.50
CA PRO A 26 24.37 0.82 -0.10
C PRO A 26 24.29 -0.13 1.08
N HIS A 27 24.67 -1.37 0.84
CA HIS A 27 24.71 -2.42 1.83
C HIS A 27 25.81 -3.40 1.48
N PRO A 28 26.26 -4.18 2.46
CA PRO A 28 27.29 -5.19 2.14
C PRO A 28 26.90 -6.14 1.02
N SER A 29 25.75 -6.80 1.13
CA SER A 29 25.24 -7.70 0.10
C SER A 29 25.28 -7.02 -1.24
N SER A 30 24.75 -5.80 -1.29
CA SER A 30 24.52 -5.13 -2.56
C SER A 30 25.82 -4.77 -3.25
N ALA A 31 26.87 -4.53 -2.47
CA ALA A 31 28.19 -4.25 -3.01
C ALA A 31 28.66 -5.30 -3.99
N PHE A 32 28.12 -6.51 -3.90
CA PHE A 32 28.53 -7.58 -4.78
C PHE A 32 27.66 -7.72 -5.99
N LEU A 33 26.55 -6.99 -5.98
CA LEU A 33 25.59 -7.05 -7.07
C LEU A 33 25.51 -5.77 -7.91
N ASN A 34 24.93 -5.93 -9.10
CA ASN A 34 24.76 -4.84 -10.04
C ASN A 34 23.42 -4.97 -10.80
N LEU A 35 22.48 -4.09 -10.50
CA LEU A 35 21.16 -4.18 -11.05
C LEU A 35 21.26 -3.61 -12.41
N ILE A 36 21.08 -4.47 -13.42
CA ILE A 36 21.23 -4.09 -14.83
C ILE A 36 19.89 -3.63 -15.42
N GLY A 37 18.79 -4.21 -14.93
CA GLY A 37 17.43 -3.82 -15.33
C GLY A 37 16.35 -4.72 -14.74
N PHE A 38 15.11 -4.49 -15.17
CA PHE A 38 13.98 -5.33 -14.76
C PHE A 38 13.16 -5.77 -15.95
N VAL A 39 12.33 -6.77 -15.67
CA VAL A 39 11.44 -7.41 -16.62
C VAL A 39 10.04 -7.31 -16.07
N SER A 40 9.11 -6.80 -16.87
CA SER A 40 7.70 -6.76 -16.48
C SER A 40 6.84 -7.14 -17.64
N ARG A 41 5.69 -7.73 -17.35
CA ARG A 41 4.66 -7.91 -18.34
C ARG A 41 4.08 -6.57 -18.83
N ARG A 42 4.20 -5.53 -18.01
CA ARG A 42 3.70 -4.20 -18.34
C ARG A 42 4.81 -3.31 -18.87
N GLU A 43 4.47 -2.24 -19.59
CA GLU A 43 5.45 -1.31 -20.15
C GLU A 43 5.65 -0.11 -19.23
N LEU A 44 6.62 -0.22 -18.31
CA LEU A 44 6.87 0.78 -17.27
C LEU A 44 7.92 1.83 -17.65
N GLY A 45 8.91 1.43 -18.44
CA GLY A 45 9.99 2.35 -18.86
C GLY A 45 11.22 2.35 -17.95
N SER A 46 11.11 3.02 -16.78
CA SER A 46 12.25 3.17 -15.91
C SER A 46 11.79 3.47 -14.51
N ILE A 47 12.16 2.65 -13.53
CA ILE A 47 11.72 2.87 -12.16
C ILE A 47 12.55 3.91 -11.44
N ASP A 48 13.80 3.62 -11.08
CA ASP A 48 14.61 4.68 -10.41
C ASP A 48 15.90 4.93 -11.21
N GLY A 49 15.74 5.32 -12.46
CA GLY A 49 16.87 5.31 -13.37
C GLY A 49 17.22 3.89 -13.81
N VAL A 50 16.57 2.89 -13.25
CA VAL A 50 16.73 1.52 -13.73
C VAL A 50 15.88 1.30 -14.99
N GLN A 51 16.45 0.68 -16.01
CA GLN A 51 15.72 0.54 -17.30
C GLN A 51 14.91 -0.76 -17.35
N GLN A 52 13.76 -0.74 -18.00
CA GLN A 52 13.08 -1.99 -18.33
C GLN A 52 13.85 -2.71 -19.42
N ILE A 53 13.86 -4.04 -19.36
CA ILE A 53 14.44 -4.84 -20.45
C ILE A 53 13.60 -6.08 -20.71
N SER A 54 13.65 -6.57 -21.92
CA SER A 54 12.80 -7.68 -22.33
C SER A 54 13.27 -9.00 -21.73
N LEU A 55 12.33 -9.89 -21.49
CA LEU A 55 12.64 -11.27 -21.11
C LEU A 55 13.68 -11.78 -22.11
N GLU A 56 13.39 -11.59 -23.40
CA GLU A 56 14.26 -12.06 -24.48
C GLU A 56 15.72 -11.57 -24.25
N ASP A 57 15.89 -10.26 -24.14
CA ASP A 57 17.23 -9.69 -24.00
C ASP A 57 17.82 -10.03 -22.65
N ALA A 58 16.98 -10.31 -21.66
CA ALA A 58 17.49 -10.67 -20.34
C ALA A 58 18.08 -12.07 -20.34
N LEU A 59 17.44 -13.01 -21.03
CA LEU A 59 17.97 -14.38 -21.10
C LEU A 59 19.22 -14.40 -21.96
N SER A 60 19.20 -13.60 -23.02
CA SER A 60 20.33 -13.49 -23.93
C SER A 60 21.60 -13.04 -23.23
N SER A 61 21.46 -12.04 -22.36
CA SER A 61 22.59 -11.22 -21.96
C SER A 61 23.64 -11.98 -21.15
N GLN A 62 24.88 -11.92 -21.63
CA GLN A 62 26.02 -12.34 -20.84
C GLN A 62 26.21 -11.44 -19.62
N GLU A 63 25.86 -10.16 -19.74
CA GLU A 63 25.96 -9.24 -18.61
C GLU A 63 25.10 -9.71 -17.43
N VAL A 64 23.94 -10.31 -17.71
CA VAL A 64 23.00 -10.68 -16.65
C VAL A 64 23.28 -12.09 -16.19
N GLU A 65 23.65 -12.24 -14.90
CA GLU A 65 24.06 -13.54 -14.31
C GLU A 65 23.13 -14.04 -13.20
N VAL A 66 22.24 -13.18 -12.72
CA VAL A 66 21.39 -13.52 -11.60
C VAL A 66 20.02 -12.99 -11.92
N ALA A 67 19.01 -13.85 -11.74
CA ALA A 67 17.61 -13.43 -11.89
C ALA A 67 16.94 -13.56 -10.57
N TYR A 68 16.29 -12.45 -10.16
CA TYR A 68 15.40 -12.42 -9.00
C TYR A 68 14.00 -12.59 -9.56
N ILE A 69 13.35 -13.69 -9.19
CA ILE A 69 12.01 -13.91 -9.66
C ILE A 69 11.08 -13.47 -8.57
N CYS A 70 10.31 -12.40 -8.80
CA CYS A 70 9.39 -11.80 -7.81
C CYS A 70 7.96 -11.66 -8.33
N SER A 71 7.58 -12.52 -9.27
CA SER A 71 6.23 -12.51 -9.87
C SER A 71 5.29 -13.35 -9.02
N GLU A 72 4.01 -13.31 -9.37
CA GLU A 72 3.03 -14.14 -8.68
C GLU A 72 3.48 -15.61 -8.75
N SER A 73 3.16 -16.34 -7.68
CA SER A 73 3.57 -17.74 -7.53
C SER A 73 3.33 -18.64 -8.78
N SER A 74 2.22 -18.43 -9.45
CA SER A 74 1.86 -19.30 -10.57
C SER A 74 2.89 -19.26 -11.71
N SER A 75 3.61 -18.16 -11.87
CA SER A 75 4.53 -18.03 -12.98
C SER A 75 5.96 -18.33 -12.56
N HIS A 76 6.15 -18.62 -11.29
CA HIS A 76 7.49 -18.89 -10.77
C HIS A 76 8.20 -20.01 -11.54
N GLU A 77 7.57 -21.17 -11.55
CA GLU A 77 8.08 -22.35 -12.23
C GLU A 77 8.47 -22.07 -13.68
N ASP A 78 7.62 -21.37 -14.41
CA ASP A 78 7.97 -21.05 -15.79
C ASP A 78 9.28 -20.22 -15.87
N TYR A 79 9.37 -19.14 -15.11
CA TYR A 79 10.53 -18.26 -15.14
C TYR A 79 11.83 -18.93 -14.61
N ILE A 80 11.72 -19.64 -13.51
CA ILE A 80 12.89 -20.30 -12.99
C ILE A 80 13.51 -21.18 -14.04
N ARG A 81 12.67 -21.95 -14.75
CA ARG A 81 13.16 -22.90 -15.70
C ARG A 81 13.91 -22.19 -16.82
N GLN A 82 13.31 -21.10 -17.31
CA GLN A 82 13.88 -20.34 -18.43
C GLN A 82 15.24 -19.74 -18.04
N PHE A 83 15.32 -19.14 -16.84
CA PHE A 83 16.58 -18.54 -16.41
C PHE A 83 17.64 -19.57 -16.08
N LEU A 84 17.28 -20.69 -15.48
CA LEU A 84 18.25 -21.75 -15.26
C LEU A 84 18.77 -22.28 -16.60
N ASN A 85 17.89 -22.47 -17.57
CA ASN A 85 18.32 -22.96 -18.87
C ASN A 85 19.22 -21.95 -19.57
N ALA A 86 18.97 -20.66 -19.35
CA ALA A 86 19.73 -19.60 -19.98
C ALA A 86 21.08 -19.40 -19.29
N GLY A 87 21.29 -20.11 -18.19
CA GLY A 87 22.58 -20.13 -17.47
C GLY A 87 22.72 -19.16 -16.31
N LYS A 88 21.62 -18.70 -15.74
CA LYS A 88 21.65 -17.67 -14.72
C LYS A 88 21.41 -18.29 -13.33
N HIS A 89 21.96 -17.69 -12.26
CA HIS A 89 21.58 -18.09 -10.90
C HIS A 89 20.19 -17.54 -10.60
N VAL A 90 19.46 -18.18 -9.70
CA VAL A 90 18.09 -17.78 -9.45
C VAL A 90 17.76 -17.69 -7.99
N LEU A 91 17.18 -16.53 -7.64
CA LEU A 91 16.56 -16.26 -6.36
C LEU A 91 15.09 -16.17 -6.70
N VAL A 92 14.27 -16.88 -5.95
CA VAL A 92 12.81 -16.82 -6.17
C VAL A 92 12.06 -16.68 -4.86
N GLU A 93 11.02 -15.88 -4.82
CA GLU A 93 10.30 -15.71 -3.58
C GLU A 93 9.44 -16.94 -3.33
N TYR A 94 9.11 -17.23 -2.08
CA TYR A 94 8.27 -18.42 -1.81
C TYR A 94 6.86 -18.17 -2.30
N PRO A 95 6.14 -19.26 -2.65
CA PRO A 95 6.65 -20.63 -2.86
C PRO A 95 7.38 -20.77 -4.17
N MET A 96 8.48 -21.50 -4.20
CA MET A 96 9.26 -21.56 -5.44
C MET A 96 8.45 -22.16 -6.58
N THR A 97 7.55 -23.09 -6.23
CA THR A 97 6.63 -23.69 -7.19
C THR A 97 5.33 -24.07 -6.49
N LEU A 98 4.34 -24.48 -7.26
CA LEU A 98 3.12 -24.99 -6.66
C LEU A 98 2.99 -26.52 -6.80
N SER A 99 4.13 -27.21 -6.95
CA SER A 99 4.17 -28.66 -6.94
C SER A 99 5.55 -29.20 -6.54
N LEU A 100 5.56 -30.30 -5.81
CA LEU A 100 6.78 -30.93 -5.36
C LEU A 100 7.62 -31.36 -6.55
N ALA A 101 7.00 -32.06 -7.49
CA ALA A 101 7.75 -32.58 -8.65
C ALA A 101 8.48 -31.46 -9.41
N ALA A 102 7.81 -30.33 -9.59
CA ALA A 102 8.39 -29.20 -10.29
C ALA A 102 9.62 -28.69 -9.56
N ALA A 103 9.53 -28.57 -8.23
CA ALA A 103 10.67 -28.15 -7.42
C ALA A 103 11.83 -29.13 -7.61
N GLN A 104 11.54 -30.41 -7.60
CA GLN A 104 12.56 -31.44 -7.76
C GLN A 104 13.30 -31.28 -9.06
N GLU A 105 12.55 -31.06 -10.13
CA GLU A 105 13.11 -30.90 -11.46
C GLU A 105 14.04 -29.70 -11.49
N LEU A 106 13.58 -28.59 -10.93
CA LEU A 106 14.31 -27.33 -10.97
C LEU A 106 15.60 -27.38 -10.15
N TRP A 107 15.58 -28.03 -8.99
CA TRP A 107 16.79 -28.18 -8.18
C TRP A 107 17.79 -29.00 -8.99
N GLU A 108 17.32 -30.12 -9.51
CA GLU A 108 18.13 -30.99 -10.35
C GLU A 108 18.73 -30.27 -11.56
N LEU A 109 17.97 -29.34 -12.14
CA LEU A 109 18.47 -28.54 -13.28
C LEU A 109 19.58 -27.59 -12.82
N ALA A 110 19.35 -26.87 -11.74
CA ALA A 110 20.35 -25.98 -11.18
C ALA A 110 21.63 -26.76 -10.91
N GLU A 111 21.48 -27.89 -10.24
CA GLU A 111 22.57 -28.77 -9.92
C GLU A 111 23.36 -29.12 -11.17
N GLN A 112 22.64 -29.52 -12.20
CA GLN A 112 23.26 -29.89 -13.47
C GLN A 112 23.91 -28.69 -14.14
N LYS A 113 23.21 -27.55 -14.20
CA LYS A 113 23.76 -26.33 -14.82
C LYS A 113 24.82 -25.61 -13.94
N GLY A 114 25.03 -26.06 -12.71
CA GLY A 114 26.06 -25.48 -11.83
C GLY A 114 25.69 -24.13 -11.21
N LYS A 115 24.40 -23.84 -11.05
CA LYS A 115 23.98 -22.56 -10.53
C LYS A 115 23.26 -22.69 -9.19
N VAL A 116 23.12 -21.55 -8.50
CA VAL A 116 22.41 -21.49 -7.25
C VAL A 116 20.96 -21.18 -7.52
N LEU A 117 20.07 -21.98 -6.93
CA LEU A 117 18.65 -21.73 -6.90
C LEU A 117 18.31 -21.54 -5.47
N HIS A 118 17.54 -20.52 -5.14
CA HIS A 118 17.32 -20.15 -3.75
C HIS A 118 15.92 -19.65 -3.53
N GLU A 119 15.21 -20.31 -2.60
CA GLU A 119 13.84 -19.96 -2.25
C GLU A 119 14.00 -19.00 -1.12
N GLU A 120 13.52 -17.77 -1.27
CA GLU A 120 13.57 -16.80 -0.19
C GLU A 120 12.64 -17.21 0.98
N HIS A 121 13.13 -17.02 2.21
CA HIS A 121 12.30 -17.23 3.40
C HIS A 121 12.41 -16.15 4.50
N VAL A 122 12.00 -14.94 4.17
CA VAL A 122 12.16 -13.83 5.10
C VAL A 122 11.47 -14.10 6.46
N GLU A 123 10.52 -15.04 6.48
CA GLU A 123 9.77 -15.31 7.69
C GLU A 123 10.67 -15.87 8.78
N LEU A 124 11.71 -16.58 8.37
CA LEU A 124 12.74 -17.03 9.27
C LEU A 124 13.65 -15.93 9.76
N LEU A 125 13.52 -14.73 9.22
CA LEU A 125 14.37 -13.61 9.62
C LEU A 125 13.63 -12.56 10.42
N MET A 126 12.39 -12.85 10.79
CA MET A 126 11.59 -11.89 11.51
C MET A 126 11.93 -11.96 12.99
N GLU A 127 11.66 -10.87 13.69
CA GLU A 127 11.98 -10.76 15.10
C GLU A 127 11.20 -11.79 15.85
N GLU A 128 9.92 -11.84 15.54
CA GLU A 128 9.02 -12.77 16.18
C GLU A 128 9.64 -14.17 16.15
N PHE A 129 10.31 -14.50 15.05
CA PHE A 129 10.86 -15.84 14.93
C PHE A 129 12.18 -16.00 15.66
N ALA A 130 12.98 -14.94 15.66
CA ALA A 130 14.23 -14.94 16.45
C ALA A 130 13.87 -15.36 17.86
N PHE A 131 12.82 -14.76 18.39
CA PHE A 131 12.38 -15.02 19.75
C PHE A 131 11.93 -16.46 19.92
N LEU A 132 11.07 -16.91 19.02
CA LEU A 132 10.57 -18.27 19.17
C LEU A 132 11.70 -19.26 19.09
N LYS A 133 12.68 -19.02 18.23
CA LYS A 133 13.82 -19.90 18.06
C LYS A 133 14.49 -20.09 19.42
N LYS A 134 14.61 -19.01 20.17
CA LYS A 134 15.21 -19.05 21.51
C LYS A 134 14.28 -19.67 22.60
N GLU A 135 12.96 -19.45 22.50
CA GLU A 135 12.07 -19.90 23.56
C GLU A 135 11.90 -21.41 23.52
N VAL A 136 11.72 -21.92 22.31
CA VAL A 136 11.53 -23.34 22.09
C VAL A 136 12.74 -24.21 22.46
N VAL A 137 13.92 -23.63 22.39
CA VAL A 137 15.19 -24.35 22.51
C VAL A 137 15.17 -25.41 23.60
N GLY A 138 14.76 -25.04 24.81
CA GLY A 138 14.89 -25.95 25.92
C GLY A 138 13.79 -26.98 26.09
N LYS A 139 12.83 -27.07 25.17
CA LYS A 139 11.52 -27.61 25.55
C LYS A 139 10.99 -28.87 24.82
N ASP A 140 10.00 -29.51 25.45
CA ASP A 140 9.30 -30.67 24.90
C ASP A 140 7.78 -30.37 24.75
N LEU A 141 7.35 -30.16 23.50
CA LEU A 141 5.99 -29.65 23.16
C LEU A 141 4.87 -30.69 23.36
N LEU A 142 3.93 -30.38 24.27
CA LEU A 142 2.72 -31.22 24.44
C LEU A 142 1.78 -31.04 23.25
N LYS A 143 1.20 -29.84 23.11
CA LYS A 143 0.30 -29.49 21.97
C LYS A 143 0.64 -28.07 21.48
N GLY A 144 0.14 -27.68 20.32
CA GLY A 144 0.41 -26.31 19.84
C GLY A 144 -0.39 -25.88 18.62
N SER A 145 -0.55 -24.57 18.43
CA SER A 145 -1.41 -24.06 17.36
C SER A 145 -0.99 -22.70 16.81
N LEU A 146 -1.17 -22.53 15.51
CA LEU A 146 -0.83 -21.28 14.84
C LEU A 146 -1.92 -20.89 13.87
N LEU A 147 -2.49 -19.71 14.07
CA LEU A 147 -3.55 -19.17 13.21
C LEU A 147 -3.04 -17.91 12.52
N PHE A 148 -3.23 -17.83 11.20
CA PHE A 148 -2.87 -16.62 10.45
C PHE A 148 -4.07 -16.12 9.66
N THR A 149 -4.39 -14.85 9.82
CA THR A 149 -5.53 -14.27 9.10
C THR A 149 -5.03 -13.20 8.16
N ALA A 150 -5.78 -13.01 7.08
CA ALA A 150 -5.44 -12.03 6.08
C ALA A 150 -6.65 -11.75 5.19
N GLY A 151 -6.47 -10.85 4.23
CA GLY A 151 -7.52 -10.52 3.26
C GLY A 151 -7.55 -11.57 2.16
N PRO A 152 -8.57 -11.52 1.29
CA PRO A 152 -8.68 -12.56 0.27
C PRO A 152 -7.47 -12.54 -0.67
N LEU A 153 -7.16 -13.68 -1.27
CA LEU A 153 -6.01 -13.80 -2.18
C LEU A 153 -6.36 -14.66 -3.36
N GLU A 154 -6.01 -14.20 -4.56
CA GLU A 154 -6.41 -14.88 -5.79
C GLU A 154 -5.64 -16.19 -5.97
N GLU A 155 -6.34 -17.30 -5.76
CA GLU A 155 -5.71 -18.61 -5.81
C GLU A 155 -5.17 -18.93 -7.20
N GLU A 156 -5.79 -18.37 -8.23
CA GLU A 156 -5.36 -18.59 -9.62
C GLU A 156 -3.93 -18.06 -9.87
N ARG A 157 -3.45 -17.13 -9.02
CA ARG A 157 -2.09 -16.56 -9.19
C ARG A 157 -1.14 -16.64 -8.00
N PHE A 158 -1.67 -16.81 -6.79
CA PHE A 158 -0.83 -17.10 -5.62
C PHE A 158 -0.93 -18.53 -5.13
N GLY A 159 -1.87 -19.27 -5.73
CA GLY A 159 -2.02 -20.69 -5.46
C GLY A 159 -2.79 -21.03 -4.19
N PHE A 160 -2.96 -22.33 -3.99
CA PHE A 160 -3.63 -22.90 -2.81
C PHE A 160 -3.01 -22.36 -1.48
N PRO A 161 -3.80 -22.15 -0.42
CA PRO A 161 -3.33 -21.52 0.83
C PRO A 161 -2.14 -22.18 1.54
N ALA A 162 -2.11 -23.51 1.55
CA ALA A 162 -0.94 -24.23 2.06
C ALA A 162 0.35 -23.83 1.32
N PHE A 163 0.25 -23.40 0.07
CA PHE A 163 1.43 -22.87 -0.65
C PHE A 163 1.65 -21.38 -0.39
N SER A 164 0.59 -20.59 -0.44
CA SER A 164 0.66 -19.15 -0.24
C SER A 164 1.11 -18.81 1.17
N GLY A 165 0.76 -19.67 2.12
CA GLY A 165 1.18 -19.51 3.49
C GLY A 165 2.23 -20.54 3.93
N ILE A 166 3.05 -21.01 3.00
CA ILE A 166 4.10 -21.97 3.33
C ILE A 166 5.05 -21.43 4.37
N SER A 167 5.09 -20.11 4.52
CA SER A 167 5.89 -19.43 5.57
C SER A 167 5.49 -19.89 6.96
N ARG A 168 4.18 -19.97 7.22
CA ARG A 168 3.68 -20.43 8.53
C ARG A 168 4.10 -21.84 8.77
N LEU A 169 4.02 -22.66 7.72
CA LEU A 169 4.42 -24.05 7.84
C LEU A 169 5.91 -24.10 8.13
N THR A 170 6.67 -23.25 7.45
CA THR A 170 8.09 -23.24 7.62
C THR A 170 8.47 -22.94 9.05
N TRP A 171 7.71 -22.07 9.71
CA TRP A 171 7.96 -21.80 11.11
C TRP A 171 7.87 -23.10 11.86
N LEU A 172 6.70 -23.72 11.77
CA LEU A 172 6.40 -24.91 12.56
C LEU A 172 7.44 -26.01 12.33
N VAL A 173 7.87 -26.15 11.08
CA VAL A 173 8.87 -27.15 10.71
C VAL A 173 10.24 -26.80 11.27
N SER A 174 10.62 -25.54 11.11
CA SER A 174 11.87 -25.05 11.66
C SER A 174 11.92 -25.16 13.17
N LEU A 175 10.79 -24.89 13.84
CA LEU A 175 10.74 -24.94 15.29
C LEU A 175 10.64 -26.36 15.85
N PHE A 176 9.97 -27.26 15.13
CA PHE A 176 9.60 -28.53 15.72
C PHE A 176 9.98 -29.75 14.89
N GLY A 177 10.81 -29.56 13.85
CA GLY A 177 11.31 -30.68 13.05
C GLY A 177 10.36 -31.09 11.93
N GLU A 178 10.62 -32.24 11.30
CA GLU A 178 9.76 -32.64 10.17
C GLU A 178 8.43 -33.12 10.72
N LEU A 179 7.35 -32.81 10.01
CA LEU A 179 5.99 -33.07 10.44
C LEU A 179 5.23 -34.00 9.51
N SER A 180 4.22 -34.68 10.03
CA SER A 180 3.36 -35.50 9.19
C SER A 180 1.90 -35.09 9.31
N LEU A 181 1.13 -35.36 8.26
CA LEU A 181 -0.23 -34.86 8.12
C LEU A 181 -1.17 -35.86 8.73
N VAL A 182 -2.04 -35.40 9.62
CA VAL A 182 -3.05 -36.29 10.17
C VAL A 182 -4.37 -36.01 9.47
N SER A 183 -4.72 -34.73 9.28
CA SER A 183 -5.94 -34.38 8.55
C SER A 183 -5.94 -32.92 8.12
N ALA A 184 -6.88 -32.56 7.26
CA ALA A 184 -6.94 -31.21 6.70
C ALA A 184 -8.29 -30.96 6.08
N THR A 185 -9.01 -29.95 6.59
CA THR A 185 -10.31 -29.55 6.06
C THR A 185 -10.24 -28.14 5.49
N LEU A 186 -11.17 -27.79 4.61
CA LEU A 186 -11.20 -26.45 3.96
C LEU A 186 -12.63 -25.97 3.62
N GLU A 187 -13.00 -24.81 4.17
CA GLU A 187 -14.28 -24.15 3.84
C GLU A 187 -14.05 -23.04 2.80
N GLU A 188 -14.84 -23.00 1.73
CA GLU A 188 -14.81 -21.89 0.76
C GLU A 188 -16.21 -21.27 0.71
N ARG A 189 -16.33 -19.98 0.39
CA ARG A 189 -17.66 -19.33 0.19
C ARG A 189 -17.57 -17.96 -0.53
N LYS A 190 -17.92 -17.94 -1.82
CA LYS A 190 -17.77 -16.74 -2.63
C LYS A 190 -18.93 -15.77 -2.42
N GLN A 193 -16.65 -13.56 -0.24
CA GLN A 193 -15.27 -13.81 -0.70
C GLN A 193 -14.38 -14.34 0.41
N TYR A 194 -14.80 -15.45 1.04
CA TYR A 194 -14.22 -15.97 2.30
C TYR A 194 -13.60 -17.38 2.17
N MET A 195 -12.73 -17.75 3.12
CA MET A 195 -12.13 -19.10 3.15
C MET A 195 -11.27 -19.39 4.42
N LYS A 196 -11.39 -20.62 4.94
CA LYS A 196 -10.65 -21.06 6.13
C LYS A 196 -10.07 -22.46 5.94
N MET A 197 -8.76 -22.61 6.14
CA MET A 197 -8.10 -23.91 5.99
C MET A 197 -7.60 -24.42 7.36
N THR A 198 -8.10 -25.57 7.81
CA THR A 198 -7.74 -26.15 9.12
C THR A 198 -6.92 -27.39 8.86
N VAL A 199 -5.66 -27.36 9.30
CA VAL A 199 -4.75 -28.47 9.12
C VAL A 199 -4.39 -29.10 10.47
N CYS A 200 -4.11 -30.40 10.45
CA CYS A 200 -3.59 -31.13 11.62
C CYS A 200 -2.31 -31.85 11.28
N LEU A 201 -1.25 -31.53 12.03
CA LEU A 201 0.06 -32.13 11.83
C LEU A 201 0.50 -32.80 13.12
N GLU A 202 1.46 -33.72 13.00
CA GLU A 202 2.14 -34.31 14.15
C GLU A 202 3.66 -34.14 14.00
N THR A 203 4.38 -34.08 15.13
CA THR A 203 5.85 -34.08 15.13
C THR A 203 6.34 -35.53 15.19
N GLU A 204 7.63 -35.72 14.96
CA GLU A 204 8.23 -37.05 15.05
C GLU A 204 7.93 -37.73 16.39
N LYS A 205 7.96 -36.97 17.50
CA LYS A 205 7.57 -37.54 18.83
C LYS A 205 6.04 -37.58 18.99
N LYS A 206 5.31 -37.39 17.89
CA LYS A 206 3.86 -37.66 17.81
C LYS A 206 2.95 -36.64 18.53
N SER A 207 3.39 -35.39 18.66
CA SER A 207 2.63 -34.36 19.38
C SER A 207 1.88 -33.41 18.41
N PRO A 208 0.61 -33.06 18.72
CA PRO A 208 -0.27 -32.43 17.74
C PRO A 208 0.01 -30.95 17.52
N LEU A 209 0.08 -30.54 16.27
CA LEU A 209 0.14 -29.14 15.93
C LEU A 209 -1.02 -28.81 15.04
N SER A 210 -1.67 -27.68 15.31
CA SER A 210 -2.79 -27.23 14.50
C SER A 210 -2.41 -25.98 13.72
N TRP A 211 -2.79 -25.94 12.46
CA TRP A 211 -2.45 -24.83 11.60
C TRP A 211 -3.68 -24.36 10.88
N ILE A 212 -4.00 -23.09 11.03
CA ILE A 212 -5.13 -22.52 10.35
C ILE A 212 -4.78 -21.26 9.58
N GLU A 213 -5.21 -21.20 8.33
CA GLU A 213 -5.14 -19.97 7.54
C GLU A 213 -6.57 -19.51 7.28
N GLU A 214 -6.89 -18.29 7.71
CA GLU A 214 -8.19 -17.69 7.39
C GLU A 214 -7.99 -16.48 6.49
N LYS A 215 -8.75 -16.43 5.40
CA LYS A 215 -8.70 -15.32 4.47
C LYS A 215 -10.08 -14.84 4.13
N GLY A 216 -10.37 -13.59 4.44
CA GLY A 216 -11.68 -13.01 4.10
C GLY A 216 -11.65 -11.50 4.12
N PRO A 217 -12.70 -10.85 3.61
CA PRO A 217 -12.70 -9.40 3.62
C PRO A 217 -12.86 -8.89 5.03
N GLY A 218 -12.38 -7.66 5.27
CA GLY A 218 -12.44 -7.02 6.58
C GLY A 218 -11.50 -7.59 7.62
N LEU A 219 -10.65 -8.54 7.23
CA LEU A 219 -9.77 -9.24 8.16
C LEU A 219 -8.40 -8.61 8.12
N LYS A 220 -8.01 -8.03 9.24
CA LYS A 220 -6.68 -7.43 9.39
C LYS A 220 -5.58 -8.52 9.48
N ARG A 221 -4.66 -8.49 8.52
CA ARG A 221 -3.48 -9.38 8.53
C ARG A 221 -2.98 -9.58 9.97
N ASN A 222 -3.09 -10.79 10.48
CA ASN A 222 -2.62 -11.08 11.86
C ASN A 222 -2.21 -12.54 12.12
N ARG A 223 -1.43 -12.71 13.18
CA ARG A 223 -0.88 -14.00 13.59
C ARG A 223 -1.24 -14.26 15.03
N TYR A 224 -1.70 -15.48 15.33
CA TYR A 224 -2.07 -15.88 16.67
C TYR A 224 -1.46 -17.27 16.93
N LEU A 225 -0.89 -17.45 18.11
CA LEU A 225 0.04 -18.54 18.35
C LEU A 225 -0.07 -19.04 19.78
N SER A 226 -0.15 -20.34 19.97
CA SER A 226 -0.22 -20.88 21.33
C SER A 226 0.47 -22.22 21.47
N PHE A 227 1.52 -22.27 22.28
CA PHE A 227 2.31 -23.49 22.47
C PHE A 227 2.30 -23.95 23.91
N HIS A 228 2.14 -25.26 24.09
CA HIS A 228 2.11 -25.89 25.41
C HIS A 228 3.19 -26.95 25.52
N PHE A 229 3.99 -26.85 26.56
CA PHE A 229 5.12 -27.76 26.77
C PHE A 229 4.96 -28.45 28.11
N LYS A 230 5.82 -29.42 28.38
CA LYS A 230 5.78 -30.13 29.66
C LYS A 230 6.08 -29.17 30.80
N SER A 231 6.87 -28.13 30.50
CA SER A 231 7.31 -27.15 31.50
C SER A 231 6.33 -25.96 31.72
N GLY A 232 5.48 -25.68 30.73
CA GLY A 232 4.58 -24.52 30.78
C GLY A 232 4.10 -24.18 29.38
N SER A 233 3.46 -23.02 29.23
CA SER A 233 2.91 -22.63 27.93
C SER A 233 3.28 -21.19 27.51
N LEU A 234 3.01 -20.88 26.26
CA LEU A 234 3.27 -19.58 25.68
C LEU A 234 2.02 -19.17 24.89
N GLU A 235 1.28 -18.18 25.38
CA GLU A 235 0.00 -17.79 24.75
C GLU A 235 0.17 -16.65 23.72
N ASN A 236 1.23 -15.86 23.86
CA ASN A 236 1.52 -14.77 22.93
C ASN A 236 3.02 -14.72 22.64
N VAL A 237 3.41 -14.21 21.48
CA VAL A 237 4.74 -13.65 21.36
C VAL A 237 4.63 -12.24 21.96
N PRO A 238 5.55 -11.87 22.88
CA PRO A 238 5.47 -10.53 23.44
C PRO A 238 5.98 -9.53 22.43
N ASN A 239 5.83 -8.25 22.73
CA ASN A 239 6.31 -7.19 21.87
C ASN A 239 7.80 -7.34 21.83
N VAL A 240 8.33 -7.56 20.64
CA VAL A 240 9.73 -7.86 20.44
C VAL A 240 10.29 -6.95 19.36
N GLY A 241 9.62 -5.82 19.15
CA GLY A 241 10.06 -4.84 18.16
C GLY A 241 9.68 -5.16 16.73
N VAL A 242 9.99 -4.24 15.83
CA VAL A 242 9.58 -4.31 14.43
C VAL A 242 10.66 -4.99 13.57
N ASN A 243 10.22 -5.70 12.54
CA ASN A 243 11.13 -6.36 11.60
C ASN A 243 12.05 -5.38 10.88
N LYS A 244 13.29 -5.80 10.65
CA LYS A 244 14.32 -4.92 10.10
C LYS A 244 14.99 -5.57 8.90
N ASN A 245 14.69 -5.05 7.71
CA ASN A 245 15.34 -5.47 6.49
C ASN A 245 15.30 -6.96 6.27
N ILE A 246 14.17 -7.59 6.54
CA ILE A 246 14.10 -9.02 6.30
C ILE A 246 14.54 -9.38 4.85
N PHE A 247 14.08 -8.65 3.86
CA PHE A 247 14.51 -8.97 2.48
C PHE A 247 15.99 -8.82 2.27
N LEU A 248 16.57 -7.72 2.77
CA LEU A 248 18.01 -7.52 2.62
C LEU A 248 18.74 -8.72 3.14
N LYS A 249 18.31 -9.13 4.34
CA LYS A 249 18.96 -10.22 5.02
C LYS A 249 18.89 -11.47 4.19
N ASP A 250 17.79 -11.64 3.48
CA ASP A 250 17.69 -12.81 2.65
C ASP A 250 18.61 -12.68 1.45
N GLN A 251 18.74 -11.48 0.89
CA GLN A 251 19.69 -11.27 -0.17
C GLN A 251 21.07 -11.67 0.30
N ASN A 252 21.40 -11.32 1.55
CA ASN A 252 22.72 -11.59 2.10
C ASN A 252 22.98 -13.10 2.11
N ILE A 253 21.99 -13.90 2.50
CA ILE A 253 22.20 -15.33 2.42
C ILE A 253 22.46 -15.75 0.98
N PHE A 254 21.72 -15.18 0.05
CA PHE A 254 21.90 -15.54 -1.34
C PHE A 254 23.31 -15.26 -1.84
N VAL A 255 23.84 -14.09 -1.51
CA VAL A 255 25.17 -13.73 -1.94
C VAL A 255 26.19 -14.68 -1.32
N GLN A 256 25.93 -15.12 -0.10
CA GLN A 256 26.85 -16.05 0.53
C GLN A 256 26.88 -17.36 -0.24
N LYS A 257 25.74 -17.72 -0.81
CA LYS A 257 25.66 -18.90 -1.64
C LYS A 257 26.47 -18.67 -2.87
N LEU A 258 26.21 -17.55 -3.57
CA LEU A 258 27.04 -17.18 -4.75
C LEU A 258 28.53 -17.23 -4.46
N LEU A 259 28.92 -16.92 -3.24
CA LEU A 259 30.33 -16.93 -2.88
C LEU A 259 30.80 -18.27 -2.32
N GLY A 260 29.89 -19.25 -2.24
CA GLY A 260 30.24 -20.57 -1.69
C GLY A 260 30.56 -20.58 -0.19
N GLN A 261 29.99 -19.65 0.58
CA GLN A 261 30.33 -19.55 1.98
C GLN A 261 29.58 -20.54 2.85
N PHE A 262 28.65 -21.31 2.28
CA PHE A 262 27.94 -22.36 3.03
C PHE A 262 28.43 -23.76 2.71
N SER A 263 28.33 -24.66 3.67
CA SER A 263 28.81 -26.03 3.50
C SER A 263 27.82 -26.85 2.70
N GLU A 264 28.28 -28.00 2.23
CA GLU A 264 27.38 -28.98 1.61
C GLU A 264 26.37 -29.44 2.66
N LYS A 265 26.85 -29.82 3.85
CA LYS A 265 25.97 -30.23 4.95
C LYS A 265 24.78 -29.25 5.05
N GLU A 266 25.10 -27.96 5.07
CA GLU A 266 24.10 -26.89 5.25
C GLU A 266 23.16 -26.75 4.09
N LEU A 267 23.70 -26.61 2.88
CA LEU A 267 22.87 -26.54 1.67
C LEU A 267 21.94 -27.75 1.55
N ALA A 268 22.43 -28.94 1.87
CA ALA A 268 21.56 -30.12 1.88
C ALA A 268 20.42 -30.01 2.92
N ALA A 269 20.72 -29.67 4.16
CA ALA A 269 19.67 -29.53 5.15
C ALA A 269 18.54 -28.60 4.62
N GLU A 270 18.93 -27.51 3.99
CA GLU A 270 17.97 -26.55 3.56
C GLU A 270 17.10 -27.13 2.43
N LYS A 271 17.75 -27.73 1.45
CA LYS A 271 17.03 -28.33 0.32
C LYS A 271 15.98 -29.32 0.85
N LYS A 272 16.40 -30.16 1.79
CA LYS A 272 15.53 -31.18 2.39
C LYS A 272 14.32 -30.50 3.02
N ARG A 273 14.58 -29.44 3.77
CA ARG A 273 13.51 -28.76 4.44
C ARG A 273 12.52 -28.14 3.44
N ILE A 274 13.05 -27.46 2.44
CA ILE A 274 12.18 -26.82 1.50
C ILE A 274 11.27 -27.82 0.84
N LEU A 275 11.85 -28.91 0.38
CA LEU A 275 11.05 -29.96 -0.26
C LEU A 275 10.07 -30.58 0.72
N HIS A 276 10.50 -30.76 1.95
CA HIS A 276 9.61 -31.28 2.97
C HIS A 276 8.30 -30.47 3.05
N CYS A 277 8.44 -29.14 3.02
CA CYS A 277 7.29 -28.25 3.09
C CYS A 277 6.45 -28.25 1.82
N LEU A 278 7.11 -28.06 0.70
CA LEU A 278 6.41 -28.11 -0.54
C LEU A 278 5.59 -29.40 -0.59
N GLY A 279 6.20 -30.54 -0.24
CA GLY A 279 5.48 -31.80 -0.16
C GLY A 279 4.25 -31.79 0.73
N LEU A 280 4.38 -31.27 1.94
CA LEU A 280 3.23 -31.17 2.85
C LEU A 280 2.13 -30.31 2.24
N ALA A 281 2.50 -29.13 1.73
CA ALA A 281 1.54 -28.27 1.05
C ALA A 281 0.75 -29.10 0.04
N GLU A 282 1.44 -29.95 -0.71
CA GLU A 282 0.79 -30.82 -1.69
C GLU A 282 -0.10 -31.85 -1.01
N GLU A 283 0.47 -32.60 -0.06
CA GLU A 283 -0.29 -33.60 0.71
C GLU A 283 -1.57 -32.99 1.28
N ILE A 284 -1.43 -31.76 1.78
CA ILE A 284 -2.57 -31.05 2.31
C ILE A 284 -3.59 -30.76 1.24
N GLN A 285 -3.15 -30.18 0.12
CA GLN A 285 -4.05 -29.86 -1.00
C GLN A 285 -4.85 -31.09 -1.49
N LYS A 286 -4.19 -32.25 -1.62
CA LYS A 286 -4.91 -33.52 -1.89
C LYS A 286 -6.02 -33.70 -0.86
N TYR A 287 -5.66 -33.89 0.41
CA TYR A 287 -6.67 -34.17 1.45
C TYR A 287 -7.63 -32.96 1.54
N ARG B 3 -7.22 -6.38 -5.77
CA ARG B 3 -6.38 -5.21 -5.94
C ARG B 3 -6.97 -3.97 -5.19
N LYS B 4 -7.27 -4.13 -3.88
CA LYS B 4 -8.01 -3.13 -3.06
C LYS B 4 -7.07 -2.36 -2.11
N PHE B 5 -7.29 -1.04 -1.98
CA PHE B 5 -6.56 -0.18 -1.03
C PHE B 5 -7.02 -0.45 0.41
N GLY B 6 -6.09 -0.58 1.35
CA GLY B 6 -6.40 -0.71 2.76
C GLY B 6 -6.85 0.62 3.35
N VAL B 7 -8.03 0.61 3.99
CA VAL B 7 -8.58 1.81 4.58
C VAL B 7 -8.76 1.67 6.07
N VAL B 8 -8.49 2.77 6.78
CA VAL B 8 -8.88 2.90 8.18
C VAL B 8 -9.66 4.22 8.34
N VAL B 9 -10.68 4.18 9.19
CA VAL B 9 -11.54 5.32 9.48
C VAL B 9 -11.19 5.85 10.88
N VAL B 10 -10.70 7.09 10.94
CA VAL B 10 -10.28 7.68 12.21
C VAL B 10 -11.34 8.61 12.75
N GLY B 11 -11.88 8.25 13.91
CA GLY B 11 -12.93 9.02 14.52
C GLY B 11 -14.28 8.49 14.12
N VAL B 12 -14.91 7.74 15.02
CA VAL B 12 -16.18 7.07 14.79
C VAL B 12 -17.36 7.90 15.30
N GLY B 13 -17.65 9.01 14.64
CA GLY B 13 -18.82 9.83 14.95
C GLY B 13 -19.86 9.70 13.84
N ARG B 14 -20.67 10.75 13.67
CA ARG B 14 -21.68 10.81 12.62
C ARG B 14 -20.99 10.59 11.25
N ALA B 15 -20.04 11.45 10.90
CA ALA B 15 -19.28 11.29 9.66
C ALA B 15 -18.68 9.87 9.57
N GLY B 16 -18.00 9.44 10.63
CA GLY B 16 -17.29 8.17 10.61
C GLY B 16 -18.18 6.97 10.37
N SER B 17 -19.37 6.98 10.95
CA SER B 17 -20.29 5.87 10.77
C SER B 17 -20.72 5.75 9.34
N VAL B 18 -21.12 6.86 8.73
CA VAL B 18 -21.58 6.85 7.35
C VAL B 18 -20.48 6.26 6.49
N ARG B 19 -19.21 6.65 6.70
CA ARG B 19 -18.13 6.14 5.84
C ARG B 19 -18.01 4.64 5.95
N MET B 20 -18.04 4.13 7.17
CA MET B 20 -17.84 2.71 7.39
C MET B 20 -18.98 1.92 6.76
N ARG B 21 -20.20 2.47 6.85
CA ARG B 21 -21.37 1.82 6.25
C ARG B 21 -21.23 1.74 4.72
N ASP B 22 -20.78 2.84 4.11
CA ASP B 22 -20.61 2.89 2.65
C ASP B 22 -19.44 2.00 2.21
N LEU B 23 -18.38 1.90 3.00
CA LEU B 23 -17.33 0.93 2.70
C LEU B 23 -17.87 -0.52 2.74
N ARG B 24 -18.66 -0.83 3.76
CA ARG B 24 -19.13 -2.20 3.94
C ARG B 24 -20.23 -2.58 2.96
N ASN B 25 -20.93 -1.61 2.42
CA ASN B 25 -21.94 -1.91 1.44
C ASN B 25 -21.31 -2.01 0.04
N PRO B 26 -21.96 -2.76 -0.86
CA PRO B 26 -21.39 -2.92 -2.18
C PRO B 26 -21.72 -1.76 -3.11
N HIS B 27 -20.67 -1.11 -3.59
CA HIS B 27 -20.75 -0.01 -4.51
C HIS B 27 -19.51 0.04 -5.39
N PRO B 28 -19.55 0.80 -6.50
CA PRO B 28 -18.37 0.75 -7.35
C PRO B 28 -17.16 1.30 -6.63
N SER B 29 -17.27 2.45 -5.98
CA SER B 29 -16.14 3.03 -5.22
C SER B 29 -15.58 2.02 -4.24
N SER B 30 -16.47 1.39 -3.49
CA SER B 30 -16.06 0.54 -2.40
C SER B 30 -15.33 -0.71 -2.90
N ALA B 31 -15.67 -1.18 -4.10
CA ALA B 31 -15.00 -2.31 -4.69
C ALA B 31 -13.47 -2.15 -4.73
N PHE B 32 -13.00 -0.91 -4.70
CA PHE B 32 -11.57 -0.61 -4.79
C PHE B 32 -10.93 -0.40 -3.44
N LEU B 33 -11.77 -0.35 -2.41
CA LEU B 33 -11.30 -0.18 -1.04
C LEU B 33 -11.51 -1.44 -0.19
N ASN B 34 -10.85 -1.45 0.97
CA ASN B 34 -10.86 -2.55 1.94
C ASN B 34 -10.70 -1.99 3.36
N LEU B 35 -11.79 -2.03 4.14
CA LEU B 35 -11.79 -1.43 5.46
C LEU B 35 -11.13 -2.39 6.36
N ILE B 36 -9.94 -2.02 6.84
CA ILE B 36 -9.12 -2.90 7.66
C ILE B 36 -9.43 -2.72 9.13
N GLY B 37 -9.77 -1.49 9.54
CA GLY B 37 -10.13 -1.20 10.95
C GLY B 37 -10.49 0.26 11.16
N PHE B 38 -10.74 0.62 12.42
CA PHE B 38 -10.98 2.01 12.79
C PHE B 38 -10.11 2.43 13.97
N VAL B 39 -9.99 3.74 14.14
CA VAL B 39 -9.23 4.32 15.22
C VAL B 39 -10.14 5.27 15.99
N SER B 40 -10.22 5.09 17.29
CA SER B 40 -11.05 5.93 18.15
C SER B 40 -10.30 6.24 19.44
N ARG B 41 -10.53 7.45 19.96
CA ARG B 41 -10.09 7.85 21.29
C ARG B 41 -10.75 7.02 22.40
N ARG B 42 -11.94 6.46 22.12
CA ARG B 42 -12.66 5.60 23.06
C ARG B 42 -12.42 4.14 22.73
N GLU B 43 -12.71 3.26 23.67
CA GLU B 43 -12.52 1.81 23.45
C GLU B 43 -13.85 1.13 23.08
N LEU B 44 -14.10 1.00 21.78
CA LEU B 44 -15.38 0.50 21.25
C LEU B 44 -15.39 -0.99 20.98
N GLY B 45 -14.23 -1.58 20.67
CA GLY B 45 -14.13 -3.02 20.41
C GLY B 45 -14.33 -3.38 18.94
N SER B 46 -15.59 -3.34 18.46
CA SER B 46 -15.93 -3.76 17.08
C SER B 46 -17.27 -3.23 16.65
N ILE B 47 -17.29 -2.48 15.55
CA ILE B 47 -18.53 -1.85 15.14
C ILE B 47 -19.42 -2.81 14.34
N ASP B 48 -19.08 -3.17 13.11
CA ASP B 48 -19.89 -4.20 12.40
C ASP B 48 -19.04 -5.38 11.94
N GLY B 49 -18.43 -6.05 12.91
CA GLY B 49 -17.39 -7.01 12.63
C GLY B 49 -16.09 -6.32 12.23
N VAL B 50 -16.08 -4.98 12.13
CA VAL B 50 -14.83 -4.24 11.90
C VAL B 50 -14.15 -4.07 13.24
N GLN B 51 -12.84 -4.28 13.27
CA GLN B 51 -12.05 -4.21 14.49
C GLN B 51 -11.51 -2.82 14.80
N GLN B 52 -11.49 -2.44 16.07
CA GLN B 52 -10.74 -1.26 16.52
C GLN B 52 -9.26 -1.55 16.40
N ILE B 53 -8.51 -0.53 16.01
CA ILE B 53 -7.06 -0.62 15.91
C ILE B 53 -6.42 0.68 16.39
N SER B 54 -5.24 0.56 16.97
CA SER B 54 -4.55 1.69 17.54
C SER B 54 -4.06 2.65 16.46
N LEU B 55 -3.99 3.93 16.81
CA LEU B 55 -3.28 4.92 16.00
C LEU B 55 -1.88 4.37 15.68
N GLU B 56 -1.18 3.94 16.71
CA GLU B 56 0.19 3.44 16.54
C GLU B 56 0.24 2.36 15.45
N ASP B 57 -0.54 1.28 15.61
CA ASP B 57 -0.48 0.16 14.68
C ASP B 57 -1.10 0.57 13.31
N ALA B 58 -1.95 1.59 13.30
CA ALA B 58 -2.50 2.09 12.03
C ALA B 58 -1.44 2.82 11.20
N LEU B 59 -0.60 3.61 11.86
CA LEU B 59 0.49 4.31 11.16
C LEU B 59 1.58 3.33 10.74
N SER B 60 1.81 2.33 11.57
CA SER B 60 2.80 1.29 11.27
C SER B 60 2.47 0.51 10.00
N SER B 61 1.20 0.17 9.85
CA SER B 61 0.82 -0.94 8.96
C SER B 61 1.06 -0.63 7.48
N GLN B 62 1.81 -1.52 6.84
CA GLN B 62 1.92 -1.50 5.40
C GLN B 62 0.56 -1.87 4.78
N GLU B 63 -0.26 -2.66 5.49
CA GLU B 63 -1.63 -2.96 5.03
C GLU B 63 -2.46 -1.71 4.83
N VAL B 64 -2.31 -0.74 5.71
CA VAL B 64 -3.16 0.43 5.65
C VAL B 64 -2.54 1.47 4.75
N GLU B 65 -3.26 1.84 3.69
CA GLU B 65 -2.77 2.77 2.67
C GLU B 65 -3.56 4.07 2.56
N VAL B 66 -4.75 4.10 3.17
CA VAL B 66 -5.64 5.22 3.09
C VAL B 66 -6.14 5.52 4.48
N ALA B 67 -6.11 6.77 4.89
CA ALA B 67 -6.76 7.17 6.14
C ALA B 67 -7.94 8.13 5.85
N TYR B 68 -9.11 7.80 6.40
CA TYR B 68 -10.27 8.68 6.37
C TYR B 68 -10.29 9.42 7.70
N ILE B 69 -10.08 10.73 7.68
CA ILE B 69 -10.09 11.44 8.94
C ILE B 69 -11.47 12.02 9.12
N CYS B 70 -12.19 11.52 10.11
CA CYS B 70 -13.57 11.96 10.37
C CYS B 70 -13.79 12.46 11.81
N SER B 71 -12.73 12.98 12.42
CA SER B 71 -12.80 13.49 13.77
C SER B 71 -13.27 14.95 13.75
N GLU B 72 -13.44 15.52 14.95
CA GLU B 72 -13.72 16.95 15.09
C GLU B 72 -12.65 17.77 14.37
N SER B 73 -13.08 18.85 13.75
CA SER B 73 -12.22 19.72 12.96
C SER B 73 -10.91 20.13 13.67
N SER B 74 -10.95 20.32 14.97
CA SER B 74 -9.75 20.71 15.73
C SER B 74 -8.56 19.74 15.61
N SER B 75 -8.84 18.45 15.42
CA SER B 75 -7.79 17.45 15.42
C SER B 75 -7.42 17.04 14.01
N HIS B 76 -8.09 17.61 13.02
CA HIS B 76 -7.83 17.25 11.63
C HIS B 76 -6.35 17.39 11.26
N GLU B 77 -5.84 18.62 11.40
CA GLU B 77 -4.47 18.97 11.09
C GLU B 77 -3.44 18.02 11.73
N ASP B 78 -3.65 17.69 12.99
CA ASP B 78 -2.81 16.73 13.70
C ASP B 78 -2.77 15.40 12.92
N TYR B 79 -3.96 14.83 12.72
CA TYR B 79 -4.09 13.52 12.10
C TYR B 79 -3.59 13.51 10.67
N ILE B 80 -3.96 14.51 9.88
CA ILE B 80 -3.54 14.57 8.49
C ILE B 80 -2.02 14.49 8.44
N ARG B 81 -1.34 15.29 9.26
CA ARG B 81 0.12 15.34 9.22
C ARG B 81 0.72 13.99 9.51
N GLN B 82 0.24 13.34 10.55
CA GLN B 82 0.80 12.05 10.94
C GLN B 82 0.64 11.04 9.82
N PHE B 83 -0.56 10.94 9.26
CA PHE B 83 -0.82 9.93 8.24
C PHE B 83 -0.04 10.20 6.98
N LEU B 84 0.09 11.47 6.60
CA LEU B 84 0.90 11.83 5.44
C LEU B 84 2.34 11.44 5.70
N ASN B 85 2.85 11.73 6.88
CA ASN B 85 4.23 11.34 7.17
C ASN B 85 4.40 9.82 7.20
N ALA B 86 3.37 9.09 7.64
CA ALA B 86 3.45 7.63 7.72
C ALA B 86 3.29 6.98 6.33
N GLY B 87 3.01 7.82 5.32
CA GLY B 87 2.98 7.38 3.90
C GLY B 87 1.60 7.04 3.35
N LYS B 88 0.55 7.49 4.01
CA LYS B 88 -0.80 7.10 3.65
C LYS B 88 -1.50 8.21 2.85
N HIS B 89 -2.43 7.84 1.97
CA HIS B 89 -3.31 8.83 1.35
C HIS B 89 -4.33 9.29 2.38
N VAL B 90 -4.82 10.51 2.21
CA VAL B 90 -5.77 11.03 3.17
C VAL B 90 -6.99 11.66 2.59
N LEU B 91 -8.13 11.24 3.14
CA LEU B 91 -9.42 11.87 2.93
C LEU B 91 -9.73 12.51 4.24
N VAL B 92 -10.12 13.78 4.20
CA VAL B 92 -10.51 14.49 5.42
C VAL B 92 -11.81 15.22 5.19
N GLU B 93 -12.66 15.24 6.21
CA GLU B 93 -13.93 15.95 6.10
C GLU B 93 -13.65 17.42 6.32
N TYR B 94 -14.48 18.27 5.73
CA TYR B 94 -14.25 19.68 5.87
C TYR B 94 -14.56 20.14 7.29
N PRO B 95 -13.93 21.22 7.72
CA PRO B 95 -12.79 21.89 7.09
C PRO B 95 -11.54 21.05 7.28
N MET B 96 -10.64 21.04 6.32
CA MET B 96 -9.46 20.22 6.44
C MET B 96 -8.54 20.72 7.54
N THR B 97 -8.52 22.04 7.74
CA THR B 97 -7.77 22.67 8.83
C THR B 97 -8.52 23.90 9.28
N LEU B 98 -8.08 24.50 10.38
CA LEU B 98 -8.61 25.78 10.83
C LEU B 98 -7.61 26.92 10.60
N SER B 99 -6.72 26.73 9.63
CA SER B 99 -5.83 27.81 9.23
C SER B 99 -5.31 27.60 7.81
N LEU B 100 -5.17 28.70 7.06
CA LEU B 100 -4.63 28.67 5.70
C LEU B 100 -3.23 28.05 5.66
N ALA B 101 -2.34 28.56 6.51
CA ALA B 101 -0.96 28.11 6.53
C ALA B 101 -0.85 26.58 6.70
N ALA B 102 -1.60 26.04 7.64
CA ALA B 102 -1.54 24.62 7.89
C ALA B 102 -2.02 23.84 6.66
N ALA B 103 -3.08 24.32 5.99
CA ALA B 103 -3.52 23.67 4.77
C ALA B 103 -2.40 23.69 3.71
N GLN B 104 -1.69 24.81 3.57
CA GLN B 104 -0.64 24.90 2.57
C GLN B 104 0.51 23.90 2.81
N GLU B 105 0.89 23.78 4.07
CA GLU B 105 1.92 22.86 4.52
C GLU B 105 1.51 21.44 4.17
N LEU B 106 0.26 21.12 4.48
CA LEU B 106 -0.22 19.75 4.32
C LEU B 106 -0.37 19.35 2.83
N TRP B 107 -0.82 20.28 2.00
CA TRP B 107 -0.84 20.02 0.57
C TRP B 107 0.58 19.79 0.05
N GLU B 108 1.50 20.68 0.42
CA GLU B 108 2.93 20.58 0.04
C GLU B 108 3.54 19.26 0.52
N LEU B 109 3.12 18.78 1.70
CA LEU B 109 3.64 17.52 2.26
C LEU B 109 3.15 16.32 1.41
N ALA B 110 1.86 16.32 1.09
CA ALA B 110 1.25 15.30 0.22
C ALA B 110 1.97 15.24 -1.12
N GLU B 111 2.12 16.42 -1.71
CA GLU B 111 2.83 16.60 -2.96
C GLU B 111 4.20 15.93 -2.86
N GLN B 112 4.95 16.27 -1.80
CA GLN B 112 6.28 15.75 -1.60
C GLN B 112 6.23 14.26 -1.38
N LYS B 113 5.35 13.80 -0.50
CA LYS B 113 5.27 12.36 -0.22
C LYS B 113 4.53 11.56 -1.34
N GLY B 114 4.03 12.22 -2.38
CA GLY B 114 3.43 11.56 -3.52
C GLY B 114 2.04 11.01 -3.30
N LYS B 115 1.32 11.52 -2.29
CA LYS B 115 0.00 10.99 -1.93
C LYS B 115 -1.10 11.99 -2.21
N VAL B 116 -2.34 11.46 -2.23
CA VAL B 116 -3.53 12.24 -2.46
C VAL B 116 -3.97 12.74 -1.12
N LEU B 117 -4.26 14.04 -1.04
CA LEU B 117 -4.98 14.64 0.09
C LEU B 117 -6.25 15.25 -0.45
N HIS B 118 -7.37 14.98 0.22
CA HIS B 118 -8.67 15.28 -0.34
C HIS B 118 -9.58 15.84 0.73
N GLU B 119 -10.09 17.05 0.53
CA GLU B 119 -11.04 17.64 1.44
C GLU B 119 -12.43 17.30 0.93
N GLU B 120 -13.21 16.58 1.73
CA GLU B 120 -14.56 16.21 1.29
C GLU B 120 -15.48 17.42 1.17
N HIS B 121 -16.31 17.47 0.12
CA HIS B 121 -17.28 18.54 -0.04
C HIS B 121 -18.65 18.06 -0.52
N VAL B 122 -19.35 17.32 0.33
CA VAL B 122 -20.62 16.73 -0.07
C VAL B 122 -21.65 17.79 -0.44
N GLU B 123 -21.44 19.00 0.09
CA GLU B 123 -22.41 20.04 -0.13
C GLU B 123 -22.47 20.38 -1.61
N LEU B 124 -21.37 20.17 -2.32
CA LEU B 124 -21.41 20.27 -3.78
C LEU B 124 -22.06 19.08 -4.48
N LEU B 125 -22.47 18.06 -3.75
CA LEU B 125 -23.15 16.90 -4.31
C LEU B 125 -24.62 16.83 -3.92
N MET B 126 -25.13 17.86 -3.24
CA MET B 126 -26.56 17.83 -2.86
C MET B 126 -27.44 18.20 -4.06
N GLU B 127 -28.71 17.82 -3.98
CA GLU B 127 -29.67 18.11 -5.04
C GLU B 127 -29.89 19.60 -5.14
N GLU B 128 -30.08 20.23 -4.01
CA GLU B 128 -30.27 21.67 -3.97
C GLU B 128 -29.17 22.38 -4.78
N PHE B 129 -27.96 21.85 -4.75
CA PHE B 129 -26.86 22.51 -5.47
C PHE B 129 -26.88 22.15 -6.93
N ALA B 130 -27.24 20.91 -7.24
CA ALA B 130 -27.34 20.45 -8.60
C ALA B 130 -28.20 21.45 -9.32
N PHE B 131 -29.30 21.81 -8.67
CA PHE B 131 -30.23 22.74 -9.19
C PHE B 131 -29.59 24.10 -9.38
N LEU B 132 -29.03 24.64 -8.31
CA LEU B 132 -28.50 26.00 -8.37
C LEU B 132 -27.44 26.08 -9.44
N LYS B 133 -26.61 25.05 -9.59
CA LYS B 133 -25.56 25.08 -10.60
C LYS B 133 -26.19 25.32 -11.98
N LYS B 134 -27.35 24.69 -12.24
CA LYS B 134 -28.09 24.84 -13.50
C LYS B 134 -28.82 26.18 -13.64
N GLU B 135 -29.34 26.75 -12.55
CA GLU B 135 -30.10 28.00 -12.64
C GLU B 135 -29.19 29.18 -12.88
N VAL B 136 -28.10 29.22 -12.13
CA VAL B 136 -27.13 30.29 -12.22
C VAL B 136 -26.49 30.46 -13.61
N VAL B 137 -26.33 29.33 -14.29
CA VAL B 137 -25.61 29.21 -15.57
C VAL B 137 -25.73 30.43 -16.44
N GLY B 138 -26.96 30.85 -16.76
CA GLY B 138 -27.11 31.84 -17.79
C GLY B 138 -26.98 33.28 -17.33
N LYS B 139 -26.62 33.52 -16.07
CA LYS B 139 -27.00 34.78 -15.41
C LYS B 139 -25.90 35.76 -14.93
N ASP B 140 -26.29 37.03 -14.79
CA ASP B 140 -25.44 38.09 -14.22
C ASP B 140 -26.04 38.65 -12.90
N LEU B 141 -25.41 38.30 -11.78
CA LEU B 141 -25.94 38.53 -10.43
C LEU B 141 -25.87 39.98 -9.98
N LEU B 142 -27.01 40.61 -9.74
CA LEU B 142 -27.07 41.95 -9.12
C LEU B 142 -26.63 41.86 -7.66
N LYS B 143 -27.44 41.21 -6.81
CA LYS B 143 -27.17 41.06 -5.37
C LYS B 143 -27.62 39.65 -4.96
N GLY B 144 -27.23 39.21 -3.78
CA GLY B 144 -27.60 37.87 -3.33
C GLY B 144 -27.33 37.60 -1.85
N SER B 145 -28.05 36.67 -1.25
CA SER B 145 -27.84 36.37 0.18
C SER B 145 -28.16 34.91 0.55
N LEU B 146 -27.39 34.39 1.50
CA LEU B 146 -27.53 33.00 1.93
C LEU B 146 -27.41 32.93 3.44
N LEU B 147 -28.48 32.47 4.08
CA LEU B 147 -28.58 32.36 5.53
C LEU B 147 -28.68 30.88 5.90
N PHE B 148 -27.87 30.45 6.86
CA PHE B 148 -27.93 29.08 7.37
C PHE B 148 -28.10 29.09 8.85
N THR B 149 -29.09 28.37 9.35
CA THR B 149 -29.33 28.26 10.79
C THR B 149 -29.11 26.83 11.24
N ALA B 150 -28.75 26.70 12.51
CA ALA B 150 -28.53 25.42 13.16
C ALA B 150 -28.51 25.57 14.69
N GLY B 151 -28.29 24.45 15.38
CA GLY B 151 -28.15 24.43 16.83
C GLY B 151 -26.76 24.86 17.24
N PRO B 152 -26.52 25.04 18.55
CA PRO B 152 -25.22 25.55 18.96
C PRO B 152 -24.13 24.52 18.66
N LEU B 153 -22.89 24.99 18.44
CA LEU B 153 -21.75 24.13 18.05
C LEU B 153 -20.50 24.52 18.85
N GLU B 154 -19.81 23.52 19.43
CA GLU B 154 -18.64 23.77 20.28
C GLU B 154 -17.48 24.27 19.41
N GLU B 155 -17.18 25.56 19.51
CA GLU B 155 -16.09 26.17 18.75
C GLU B 155 -14.74 25.53 19.09
N GLU B 156 -14.58 25.10 20.35
CA GLU B 156 -13.32 24.52 20.75
C GLU B 156 -12.97 23.35 19.86
N ARG B 157 -13.98 22.71 19.27
CA ARG B 157 -13.76 21.45 18.56
C ARG B 157 -14.20 21.41 17.13
N PHE B 158 -15.17 22.23 16.75
CA PHE B 158 -15.52 22.36 15.34
C PHE B 158 -15.07 23.72 14.76
N GLY B 159 -14.52 24.57 15.62
CA GLY B 159 -13.92 25.83 15.19
C GLY B 159 -14.86 26.99 14.89
N PHE B 160 -14.26 28.12 14.55
CA PHE B 160 -14.99 29.31 14.20
C PHE B 160 -16.02 29.04 13.08
N PRO B 161 -17.21 29.67 13.14
CA PRO B 161 -18.29 29.38 12.20
C PRO B 161 -17.98 29.52 10.71
N ALA B 162 -17.18 30.50 10.32
CA ALA B 162 -16.71 30.60 8.95
C ALA B 162 -15.95 29.33 8.48
N PHE B 163 -15.35 28.59 9.39
CA PHE B 163 -14.78 27.28 9.04
C PHE B 163 -15.80 26.12 9.14
N SER B 164 -16.56 26.08 10.23
CA SER B 164 -17.56 25.03 10.42
C SER B 164 -18.61 25.07 9.29
N GLY B 165 -18.90 26.27 8.78
CA GLY B 165 -19.86 26.44 7.69
C GLY B 165 -19.19 26.81 6.36
N ILE B 166 -17.96 26.35 6.16
CA ILE B 166 -17.25 26.61 4.92
C ILE B 166 -18.02 26.03 3.73
N SER B 167 -18.90 25.07 4.00
CA SER B 167 -19.77 24.52 2.95
C SER B 167 -20.63 25.58 2.28
N ARG B 168 -21.20 26.46 3.09
CA ARG B 168 -21.98 27.55 2.57
C ARG B 168 -21.13 28.49 1.72
N LEU B 169 -19.93 28.77 2.20
CA LEU B 169 -19.03 29.59 1.42
C LEU B 169 -18.75 28.89 0.12
N THR B 170 -18.50 27.58 0.21
CA THR B 170 -18.11 26.80 -0.96
C THR B 170 -19.19 26.89 -2.04
N TRP B 171 -20.43 26.94 -1.63
CA TRP B 171 -21.50 27.18 -2.59
C TRP B 171 -21.27 28.50 -3.32
N LEU B 172 -21.29 29.58 -2.55
CA LEU B 172 -21.19 30.91 -3.11
C LEU B 172 -19.99 31.00 -4.07
N VAL B 173 -18.86 30.47 -3.63
CA VAL B 173 -17.66 30.51 -4.43
C VAL B 173 -17.80 29.67 -5.72
N SER B 174 -18.31 28.44 -5.60
CA SER B 174 -18.55 27.58 -6.76
C SER B 174 -19.53 28.21 -7.71
N LEU B 175 -20.58 28.85 -7.20
CA LEU B 175 -21.59 29.47 -8.05
C LEU B 175 -21.17 30.78 -8.66
N PHE B 176 -20.36 31.57 -7.95
CA PHE B 176 -20.11 32.98 -8.32
C PHE B 176 -18.63 33.39 -8.46
N GLY B 177 -17.73 32.40 -8.42
CA GLY B 177 -16.30 32.65 -8.66
C GLY B 177 -15.61 33.07 -7.38
N GLU B 178 -14.39 33.54 -7.48
CA GLU B 178 -13.66 33.95 -6.28
C GLU B 178 -14.21 35.24 -5.74
N LEU B 179 -14.27 35.32 -4.41
CA LEU B 179 -14.90 36.42 -3.71
C LEU B 179 -13.91 37.19 -2.82
N SER B 180 -14.24 38.45 -2.53
CA SER B 180 -13.45 39.25 -1.60
C SER B 180 -14.31 39.76 -0.45
N LEU B 181 -13.64 40.01 0.68
CA LEU B 181 -14.29 40.36 1.93
C LEU B 181 -14.40 41.84 2.08
N VAL B 182 -15.62 42.31 2.26
CA VAL B 182 -15.89 43.72 2.42
C VAL B 182 -15.95 44.00 3.90
N SER B 183 -16.73 43.20 4.64
CA SER B 183 -16.81 43.35 6.11
C SER B 183 -17.39 42.09 6.73
N ALA B 184 -17.34 42.03 8.06
CA ALA B 184 -17.76 40.86 8.80
C ALA B 184 -17.98 41.24 10.24
N THR B 185 -19.20 41.04 10.75
CA THR B 185 -19.53 41.25 12.17
C THR B 185 -20.00 39.94 12.84
N LEU B 186 -19.88 39.86 14.17
CA LEU B 186 -20.28 38.64 14.92
C LEU B 186 -20.83 38.98 16.32
N GLU B 187 -22.07 38.52 16.60
CA GLU B 187 -22.72 38.65 17.92
C GLU B 187 -22.72 37.30 18.69
N GLU B 188 -22.60 37.32 20.02
CA GLU B 188 -22.52 36.09 20.81
C GLU B 188 -22.92 36.29 22.27
N MET B 195 -25.54 32.78 18.93
CA MET B 195 -24.53 33.40 18.08
C MET B 195 -24.96 33.63 16.62
N LYS B 196 -24.58 34.78 16.04
CA LYS B 196 -24.87 35.08 14.62
C LYS B 196 -23.72 35.80 13.93
N MET B 197 -23.29 35.26 12.79
CA MET B 197 -22.17 35.83 12.00
C MET B 197 -22.69 36.44 10.70
N THR B 198 -22.46 37.74 10.52
CA THR B 198 -22.88 38.47 9.30
C THR B 198 -21.65 38.81 8.47
N VAL B 199 -21.53 38.21 7.29
CA VAL B 199 -20.41 38.48 6.40
C VAL B 199 -20.87 39.19 5.11
N CYS B 200 -19.99 40.04 4.57
CA CYS B 200 -20.20 40.73 3.32
C CYS B 200 -19.08 40.42 2.37
N LEU B 201 -19.43 39.84 1.23
CA LEU B 201 -18.47 39.49 0.20
C LEU B 201 -18.85 40.23 -1.06
N GLU B 202 -17.88 40.37 -1.97
CA GLU B 202 -18.14 40.89 -3.34
C GLU B 202 -17.56 39.87 -4.35
N THR B 203 -18.15 39.83 -5.54
CA THR B 203 -17.65 38.99 -6.63
C THR B 203 -16.63 39.77 -7.46
N GLU B 204 -15.92 39.11 -8.37
CA GLU B 204 -14.97 39.81 -9.26
C GLU B 204 -15.62 41.01 -9.98
N LYS B 205 -16.85 40.87 -10.49
CA LYS B 205 -17.56 41.99 -11.15
C LYS B 205 -18.15 42.96 -10.10
N LYS B 206 -17.75 42.78 -8.83
CA LYS B 206 -18.03 43.70 -7.70
C LYS B 206 -19.51 43.76 -7.25
N SER B 207 -20.21 42.63 -7.30
CA SER B 207 -21.60 42.57 -6.88
C SER B 207 -21.74 41.90 -5.48
N PRO B 208 -22.59 42.49 -4.60
CA PRO B 208 -22.62 42.10 -3.19
C PRO B 208 -23.28 40.76 -2.90
N LEU B 209 -22.61 39.95 -2.11
CA LEU B 209 -23.18 38.71 -1.54
C LEU B 209 -23.16 38.83 -0.01
N SER B 210 -24.28 38.48 0.65
CA SER B 210 -24.31 38.42 2.09
C SER B 210 -24.40 36.99 2.52
N TRP B 211 -23.66 36.67 3.58
CA TRP B 211 -23.55 35.33 4.13
C TRP B 211 -23.79 35.40 5.63
N ILE B 212 -24.81 34.69 6.13
CA ILE B 212 -25.10 34.68 7.55
C ILE B 212 -25.21 33.27 8.09
N GLU B 213 -24.52 33.00 9.18
CA GLU B 213 -24.67 31.76 9.91
C GLU B 213 -25.25 32.13 11.25
N GLU B 214 -26.41 31.57 11.60
CA GLU B 214 -27.00 31.76 12.95
C GLU B 214 -27.02 30.41 13.66
N LYS B 215 -26.51 30.37 14.89
CA LYS B 215 -26.52 29.15 15.70
C LYS B 215 -27.05 29.46 17.09
N GLY B 216 -28.13 28.79 17.47
CA GLY B 216 -28.66 28.92 18.82
C GLY B 216 -29.58 27.78 19.16
N PRO B 217 -30.01 27.71 20.42
CA PRO B 217 -30.89 26.64 20.83
C PRO B 217 -32.29 26.84 20.25
N GLY B 218 -33.01 25.74 20.08
CA GLY B 218 -34.35 25.77 19.51
C GLY B 218 -34.40 26.07 18.02
N LEU B 219 -33.23 26.16 17.39
CA LEU B 219 -33.14 26.54 15.98
C LEU B 219 -33.04 25.28 15.10
N LYS B 220 -34.06 25.05 14.28
CA LYS B 220 -34.10 23.91 13.38
C LYS B 220 -33.18 24.14 12.18
N ARG B 221 -32.16 23.30 12.07
CA ARG B 221 -31.20 23.32 10.96
C ARG B 221 -31.89 23.67 9.65
N ASN B 222 -31.60 24.84 9.10
CA ASN B 222 -32.28 25.30 7.88
C ASN B 222 -31.39 26.19 7.00
N ARG B 223 -31.76 26.28 5.73
CA ARG B 223 -31.06 27.12 4.73
C ARG B 223 -32.10 28.04 4.06
N TYR B 224 -31.72 29.30 3.89
CA TYR B 224 -32.58 30.30 3.28
C TYR B 224 -31.70 31.10 2.28
N LEU B 225 -32.24 31.35 1.10
CA LEU B 225 -31.42 31.74 -0.05
C LEU B 225 -32.20 32.67 -0.97
N SER B 226 -31.57 33.79 -1.38
CA SER B 226 -32.22 34.79 -2.24
C SER B 226 -31.24 35.43 -3.23
N PHE B 227 -31.40 35.13 -4.53
CA PHE B 227 -30.50 35.67 -5.56
C PHE B 227 -31.25 36.55 -6.54
N HIS B 228 -30.64 37.68 -6.86
CA HIS B 228 -31.20 38.66 -7.79
C HIS B 228 -30.26 38.81 -8.98
N PHE B 229 -30.84 38.73 -10.18
CA PHE B 229 -30.08 38.86 -11.42
C PHE B 229 -30.65 39.98 -12.30
N LYS B 230 -29.93 40.32 -13.37
CA LYS B 230 -30.40 41.35 -14.30
C LYS B 230 -31.73 40.87 -14.94
N SER B 231 -31.89 39.56 -15.02
CA SER B 231 -33.05 38.89 -15.67
C SER B 231 -34.26 38.66 -14.75
N GLY B 232 -34.03 38.57 -13.45
CA GLY B 232 -35.10 38.27 -12.49
C GLY B 232 -34.46 37.75 -11.23
N SER B 233 -35.28 37.18 -10.34
CA SER B 233 -34.78 36.72 -9.03
C SER B 233 -35.25 35.31 -8.66
N LEU B 234 -34.59 34.76 -7.64
CA LEU B 234 -34.86 33.42 -7.12
C LEU B 234 -34.97 33.50 -5.59
N GLU B 235 -36.17 33.35 -5.05
CA GLU B 235 -36.42 33.53 -3.61
C GLU B 235 -36.32 32.20 -2.83
N ASN B 236 -36.60 31.08 -3.49
CA ASN B 236 -36.51 29.75 -2.89
C ASN B 236 -35.69 28.84 -3.84
N VAL B 237 -35.07 27.79 -3.31
CA VAL B 237 -34.89 26.57 -4.07
C VAL B 237 -36.23 25.82 -3.99
N PRO B 238 -36.81 25.40 -5.13
CA PRO B 238 -38.02 24.58 -5.05
C PRO B 238 -37.73 23.18 -4.54
N ASN B 239 -38.77 22.41 -4.28
CA ASN B 239 -38.60 21.03 -3.87
C ASN B 239 -37.94 20.29 -5.02
N VAL B 240 -36.75 19.76 -4.79
CA VAL B 240 -36.00 19.10 -5.85
C VAL B 240 -35.62 17.71 -5.36
N GLY B 241 -36.41 17.16 -4.43
CA GLY B 241 -36.13 15.82 -3.87
C GLY B 241 -35.07 15.79 -2.78
N VAL B 242 -34.85 14.60 -2.20
CA VAL B 242 -33.91 14.45 -1.07
C VAL B 242 -32.52 14.00 -1.54
N ASN B 243 -31.50 14.40 -0.79
CA ASN B 243 -30.12 14.02 -1.11
C ASN B 243 -29.97 12.49 -1.15
N LYS B 244 -29.11 12.03 -2.07
CA LYS B 244 -28.88 10.57 -2.20
C LYS B 244 -27.35 10.26 -2.18
N ASN B 245 -26.90 9.61 -1.12
CA ASN B 245 -25.54 9.12 -1.03
C ASN B 245 -24.47 10.19 -1.23
N ILE B 246 -24.71 11.40 -0.75
CA ILE B 246 -23.70 12.42 -0.94
C ILE B 246 -22.32 11.93 -0.49
N PHE B 247 -22.24 11.27 0.66
CA PHE B 247 -20.92 10.78 1.12
C PHE B 247 -20.31 9.78 0.12
N LEU B 248 -21.10 8.78 -0.29
CA LEU B 248 -20.55 7.79 -1.20
C LEU B 248 -20.02 8.52 -2.46
N LYS B 249 -20.81 9.46 -2.96
CA LYS B 249 -20.41 10.19 -4.14
C LYS B 249 -19.11 10.93 -3.94
N ASP B 250 -18.81 11.37 -2.72
CA ASP B 250 -17.53 11.96 -2.41
C ASP B 250 -16.43 10.93 -2.35
N GLN B 251 -16.73 9.75 -1.86
CA GLN B 251 -15.75 8.68 -1.90
C GLN B 251 -15.35 8.40 -3.33
N ASN B 252 -16.33 8.44 -4.23
CA ASN B 252 -16.09 8.11 -5.63
C ASN B 252 -15.10 9.08 -6.24
N ILE B 253 -15.22 10.34 -5.88
CA ILE B 253 -14.23 11.34 -6.28
C ILE B 253 -12.83 11.01 -5.75
N PHE B 254 -12.77 10.62 -4.51
CA PHE B 254 -11.51 10.26 -3.94
C PHE B 254 -10.87 9.09 -4.66
N VAL B 255 -11.64 8.04 -4.92
CA VAL B 255 -11.07 6.88 -5.59
C VAL B 255 -10.58 7.29 -7.00
N GLN B 256 -11.29 8.18 -7.63
CA GLN B 256 -10.91 8.60 -8.95
C GLN B 256 -9.58 9.30 -8.91
N LYS B 257 -9.32 9.99 -7.81
CA LYS B 257 -7.99 10.56 -7.60
C LYS B 257 -6.98 9.44 -7.35
N LEU B 258 -7.26 8.51 -6.45
CA LEU B 258 -6.34 7.37 -6.25
C LEU B 258 -6.01 6.68 -7.55
N LEU B 259 -6.92 6.66 -8.51
CA LEU B 259 -6.64 6.03 -9.80
C LEU B 259 -6.17 7.02 -10.90
N GLY B 260 -5.86 8.26 -10.51
CA GLY B 260 -5.32 9.23 -11.45
C GLY B 260 -6.28 9.64 -12.54
N GLN B 261 -7.58 9.52 -12.33
CA GLN B 261 -8.53 9.81 -13.41
C GLN B 261 -8.82 11.26 -13.58
N PHE B 262 -8.28 12.14 -12.76
CA PHE B 262 -8.42 13.59 -13.03
C PHE B 262 -7.15 14.23 -13.58
N SER B 263 -7.34 15.30 -14.34
CA SER B 263 -6.26 16.02 -14.97
C SER B 263 -5.53 16.91 -13.96
N GLU B 264 -4.29 17.29 -14.30
CA GLU B 264 -3.56 18.28 -13.52
C GLU B 264 -4.35 19.61 -13.55
N LYS B 265 -4.86 20.02 -14.70
CA LYS B 265 -5.72 21.22 -14.76
C LYS B 265 -6.83 21.19 -13.70
N GLU B 266 -7.52 20.05 -13.58
CA GLU B 266 -8.65 19.90 -12.65
C GLU B 266 -8.18 19.93 -11.21
N LEU B 267 -7.25 19.05 -10.86
CA LEU B 267 -6.78 18.96 -9.49
C LEU B 267 -6.29 20.31 -9.03
N ALA B 268 -5.62 21.06 -9.93
CA ALA B 268 -5.17 22.44 -9.65
C ALA B 268 -6.35 23.39 -9.34
N ALA B 269 -7.38 23.40 -10.18
CA ALA B 269 -8.53 24.26 -9.92
C ALA B 269 -9.10 24.01 -8.52
N GLU B 270 -9.20 22.75 -8.14
CA GLU B 270 -9.75 22.35 -6.86
C GLU B 270 -8.92 22.91 -5.70
N LYS B 271 -7.62 22.62 -5.72
CA LYS B 271 -6.70 23.09 -4.68
C LYS B 271 -6.85 24.60 -4.54
N LYS B 272 -6.89 25.29 -5.66
CA LYS B 272 -6.98 26.72 -5.62
C LYS B 272 -8.23 27.12 -4.89
N ARG B 273 -9.35 26.47 -5.23
CA ARG B 273 -10.63 26.86 -4.64
C ARG B 273 -10.65 26.56 -3.15
N ILE B 274 -10.15 25.39 -2.78
CA ILE B 274 -10.16 25.02 -1.40
C ILE B 274 -9.42 26.06 -0.60
N LEU B 275 -8.20 26.37 -1.04
CA LEU B 275 -7.39 27.35 -0.33
C LEU B 275 -8.02 28.77 -0.34
N HIS B 276 -8.68 29.13 -1.45
CA HIS B 276 -9.39 30.40 -1.52
C HIS B 276 -10.36 30.54 -0.35
N CYS B 277 -11.10 29.46 -0.10
CA CYS B 277 -12.09 29.44 0.97
C CYS B 277 -11.47 29.44 2.34
N LEU B 278 -10.52 28.56 2.57
CA LEU B 278 -9.87 28.52 3.85
C LEU B 278 -9.35 29.94 4.17
N GLY B 279 -8.72 30.56 3.17
CA GLY B 279 -8.23 31.93 3.29
C GLY B 279 -9.31 32.92 3.70
N LEU B 280 -10.47 32.85 3.04
CA LEU B 280 -11.59 33.73 3.38
C LEU B 280 -12.08 33.53 4.82
N ALA B 281 -12.28 32.27 5.19
CA ALA B 281 -12.60 31.89 6.56
C ALA B 281 -11.71 32.62 7.52
N GLU B 282 -10.42 32.58 7.24
CA GLU B 282 -9.42 33.22 8.06
C GLU B 282 -9.57 34.74 8.06
N GLU B 283 -9.58 35.35 6.88
CA GLU B 283 -9.73 36.80 6.76
C GLU B 283 -10.97 37.23 7.53
N ILE B 284 -12.03 36.42 7.44
CA ILE B 284 -13.27 36.69 8.17
C ILE B 284 -13.04 36.65 9.67
N GLN B 285 -12.41 35.59 10.16
CA GLN B 285 -12.17 35.45 11.60
C GLN B 285 -11.33 36.61 12.16
N LYS B 286 -10.31 37.03 11.42
CA LYS B 286 -9.61 38.29 11.72
C LYS B 286 -10.61 39.44 11.88
N TYR B 287 -11.27 39.86 10.80
CA TYR B 287 -12.19 41.02 10.88
C TYR B 287 -13.30 40.68 11.87
N ARG C 3 10.12 -15.88 32.57
CA ARG C 3 11.39 -16.59 32.84
C ARG C 3 12.63 -15.76 32.43
N LYS C 4 12.78 -14.58 33.03
CA LYS C 4 13.80 -13.61 32.62
C LYS C 4 15.01 -13.55 33.57
N PHE C 5 16.21 -13.43 33.00
CA PHE C 5 17.42 -13.19 33.77
C PHE C 5 17.45 -11.76 34.31
N GLY C 6 17.79 -11.59 35.59
CA GLY C 6 17.99 -10.28 36.18
C GLY C 6 19.32 -9.69 35.79
N VAL C 7 19.28 -8.45 35.30
CA VAL C 7 20.48 -7.77 34.81
C VAL C 7 20.72 -6.48 35.56
N VAL C 8 21.99 -6.19 35.79
CA VAL C 8 22.40 -4.88 36.23
C VAL C 8 23.57 -4.35 35.36
N VAL C 9 23.53 -3.06 35.05
CA VAL C 9 24.50 -2.41 34.18
C VAL C 9 25.46 -1.64 35.05
N VAL C 10 26.73 -2.00 35.01
CA VAL C 10 27.71 -1.33 35.85
C VAL C 10 28.51 -0.31 35.05
N GLY C 11 28.40 0.96 35.44
CA GLY C 11 29.05 2.03 34.74
C GLY C 11 28.12 2.60 33.71
N VAL C 12 27.56 3.77 34.00
CA VAL C 12 26.61 4.43 33.11
C VAL C 12 27.29 5.50 32.25
N GLY C 13 28.09 5.06 31.27
CA GLY C 13 28.69 5.94 30.27
C GLY C 13 28.05 5.76 28.93
N ARG C 14 28.81 6.06 27.89
CA ARG C 14 28.35 5.89 26.52
C ARG C 14 27.89 4.43 26.25
N ALA C 15 28.78 3.47 26.50
CA ALA C 15 28.44 2.06 26.43
C ALA C 15 27.23 1.72 27.27
N GLY C 16 27.26 2.10 28.53
CA GLY C 16 26.20 1.72 29.46
C GLY C 16 24.82 2.27 29.11
N SER C 17 24.77 3.47 28.54
CA SER C 17 23.52 4.03 28.13
C SER C 17 22.91 3.14 27.06
N VAL C 18 23.69 2.86 26.01
CA VAL C 18 23.21 2.04 24.93
C VAL C 18 22.64 0.75 25.49
N ARG C 19 23.36 0.11 26.40
CA ARG C 19 22.90 -1.15 26.92
C ARG C 19 21.53 -1.04 27.60
N MET C 20 21.36 -0.02 28.43
CA MET C 20 20.12 0.18 29.17
C MET C 20 18.95 0.44 28.23
N ARG C 21 19.22 1.20 27.17
CA ARG C 21 18.20 1.53 26.17
C ARG C 21 17.78 0.28 25.42
N ASP C 22 18.73 -0.55 25.08
CA ASP C 22 18.45 -1.79 24.38
C ASP C 22 17.67 -2.78 25.30
N LEU C 23 17.99 -2.78 26.59
CA LEU C 23 17.24 -3.63 27.51
C LEU C 23 15.81 -3.12 27.65
N ARG C 24 15.65 -1.81 27.69
CA ARG C 24 14.33 -1.22 27.88
C ARG C 24 13.46 -1.39 26.66
N ASN C 25 14.04 -1.42 25.49
CA ASN C 25 13.23 -1.49 24.32
C ASN C 25 12.87 -2.92 24.03
N PRO C 26 11.76 -3.12 23.33
CA PRO C 26 11.35 -4.48 22.99
C PRO C 26 12.13 -5.10 21.80
N HIS C 27 12.84 -6.18 22.10
CA HIS C 27 13.65 -6.92 21.15
C HIS C 27 13.75 -8.38 21.57
N PRO C 28 14.02 -9.31 20.62
CA PRO C 28 14.03 -10.71 21.02
C PRO C 28 14.98 -10.95 22.16
N SER C 29 16.22 -10.54 22.03
CA SER C 29 17.18 -10.64 23.14
C SER C 29 16.54 -10.28 24.45
N SER C 30 15.99 -9.07 24.46
CA SER C 30 15.61 -8.39 25.68
C SER C 30 14.50 -9.10 26.39
N ALA C 31 13.64 -9.76 25.60
CA ALA C 31 12.56 -10.55 26.13
C ALA C 31 13.02 -11.55 27.18
N PHE C 32 14.31 -11.89 27.14
CA PHE C 32 14.87 -12.88 28.03
C PHE C 32 15.57 -12.29 29.22
N LEU C 33 15.73 -10.96 29.20
CA LEU C 33 16.38 -10.23 30.27
C LEU C 33 15.40 -9.32 31.03
N ASN C 34 15.85 -8.86 32.19
CA ASN C 34 15.12 -7.98 33.06
C ASN C 34 16.09 -7.05 33.75
N LEU C 35 16.05 -5.79 33.39
CA LEU C 35 16.99 -4.86 33.95
C LEU C 35 16.46 -4.45 35.31
N ILE C 36 17.19 -4.84 36.35
CA ILE C 36 16.81 -4.64 37.76
C ILE C 36 17.30 -3.29 38.30
N GLY C 37 18.49 -2.87 37.86
CA GLY C 37 19.08 -1.56 38.24
C GLY C 37 20.44 -1.31 37.62
N PHE C 38 21.09 -0.23 38.02
CA PHE C 38 22.46 0.04 37.58
C PHE C 38 23.34 0.38 38.77
N VAL C 39 24.64 0.34 38.53
CA VAL C 39 25.64 0.69 39.53
C VAL C 39 26.54 1.76 38.95
N SER C 40 26.73 2.82 39.70
CA SER C 40 27.56 3.94 39.28
C SER C 40 28.40 4.42 40.45
N ARG C 41 29.63 4.85 40.16
CA ARG C 41 30.47 5.54 41.14
C ARG C 41 29.84 6.89 41.53
N ARG C 42 28.99 7.45 40.67
CA ARG C 42 28.31 8.71 40.96
C ARG C 42 26.87 8.46 41.42
N GLU C 43 26.27 9.46 42.07
CA GLU C 43 24.90 9.34 42.60
C GLU C 43 23.86 9.92 41.63
N LEU C 44 23.35 9.08 40.72
CA LEU C 44 22.46 9.53 39.63
C LEU C 44 20.95 9.47 40.01
N GLY C 45 20.59 8.55 40.89
CA GLY C 45 19.18 8.39 41.28
C GLY C 45 18.41 7.39 40.40
N SER C 46 18.03 7.81 39.18
CA SER C 46 17.18 6.97 38.30
C SER C 46 17.27 7.45 36.85
N ILE C 47 17.71 6.58 35.93
CA ILE C 47 17.92 6.99 34.54
C ILE C 47 16.57 7.01 33.82
N ASP C 48 15.95 5.89 33.52
CA ASP C 48 14.67 5.94 32.80
C ASP C 48 13.58 5.17 33.55
N GLY C 49 13.36 5.56 34.78
CA GLY C 49 12.57 4.71 35.68
C GLY C 49 13.37 3.53 36.22
N VAL C 50 14.60 3.35 35.75
CA VAL C 50 15.51 2.37 36.35
C VAL C 50 16.17 2.97 37.59
N GLN C 51 16.28 2.19 38.66
CA GLN C 51 16.84 2.70 39.93
C GLN C 51 18.34 2.42 40.05
N GLN C 52 19.07 3.37 40.65
CA GLN C 52 20.45 3.15 41.05
C GLN C 52 20.51 2.15 42.20
N ILE C 53 21.49 1.25 42.16
CA ILE C 53 21.66 0.30 43.25
C ILE C 53 23.14 0.10 43.54
N SER C 54 23.46 -0.17 44.80
CA SER C 54 24.84 -0.25 45.25
C SER C 54 25.54 -1.49 44.70
N LEU C 55 26.84 -1.37 44.47
CA LEU C 55 27.69 -2.51 44.19
C LEU C 55 27.43 -3.60 45.25
N GLU C 56 27.42 -3.20 46.52
CA GLU C 56 27.17 -4.12 47.63
C GLU C 56 25.86 -4.90 47.44
N ASP C 57 24.75 -4.18 47.28
CA ASP C 57 23.45 -4.84 47.16
C ASP C 57 23.34 -5.57 45.81
N ALA C 58 24.11 -5.13 44.82
CA ALA C 58 24.12 -5.78 43.51
C ALA C 58 24.79 -7.17 43.55
N LEU C 59 25.88 -7.29 44.30
CA LEU C 59 26.57 -8.57 44.49
C LEU C 59 25.74 -9.48 45.38
N SER C 60 25.09 -8.90 46.38
CA SER C 60 24.24 -9.66 47.31
C SER C 60 23.10 -10.37 46.62
N SER C 61 22.44 -9.65 45.71
CA SER C 61 21.08 -9.97 45.30
C SER C 61 20.99 -11.30 44.54
N GLN C 62 20.15 -12.19 45.06
CA GLN C 62 19.71 -13.38 44.34
C GLN C 62 18.93 -12.99 43.08
N GLU C 63 18.22 -11.86 43.10
CA GLU C 63 17.48 -11.37 41.94
C GLU C 63 18.40 -11.04 40.75
N VAL C 64 19.62 -10.56 41.01
CA VAL C 64 20.54 -10.15 39.93
C VAL C 64 21.45 -11.33 39.51
N GLU C 65 21.29 -11.78 38.26
CA GLU C 65 22.00 -12.97 37.76
C GLU C 65 23.02 -12.69 36.65
N VAL C 66 23.00 -11.48 36.12
CA VAL C 66 23.86 -11.08 35.03
C VAL C 66 24.36 -9.69 35.33
N ALA C 67 25.66 -9.47 35.14
CA ALA C 67 26.25 -8.15 35.21
C ALA C 67 26.82 -7.78 33.84
N TYR C 68 26.43 -6.60 33.36
CA TYR C 68 27.03 -5.97 32.20
C TYR C 68 28.07 -4.98 32.72
N ILE C 69 29.33 -5.19 32.41
CA ILE C 69 30.34 -4.25 32.86
C ILE C 69 30.65 -3.32 31.73
N CYS C 70 30.31 -2.05 31.92
CA CYS C 70 30.48 -1.02 30.89
C CYS C 70 31.31 0.14 31.37
N SER C 71 32.20 -0.08 32.34
CA SER C 71 33.02 0.99 32.89
C SER C 71 34.31 1.16 32.07
N GLU C 72 35.16 2.13 32.41
CA GLU C 72 36.48 2.26 31.75
C GLU C 72 37.25 0.95 31.83
N SER C 73 38.04 0.68 30.81
CA SER C 73 38.80 -0.55 30.70
C SER C 73 39.62 -0.89 31.94
N SER C 74 40.18 0.12 32.60
CA SER C 74 41.02 -0.11 33.79
C SER C 74 40.33 -0.88 34.93
N SER C 75 39.02 -0.71 35.08
CA SER C 75 38.32 -1.29 36.22
C SER C 75 37.60 -2.56 35.84
N HIS C 76 37.70 -2.96 34.58
CA HIS C 76 37.00 -4.16 34.10
C HIS C 76 37.37 -5.38 34.95
N GLU C 77 38.67 -5.66 34.99
CA GLU C 77 39.25 -6.80 35.70
C GLU C 77 38.80 -6.89 37.16
N ASP C 78 38.77 -5.75 37.83
CA ASP C 78 38.23 -5.67 39.19
C ASP C 78 36.76 -6.16 39.24
N TYR C 79 35.89 -5.52 38.46
CA TYR C 79 34.46 -5.82 38.52
C TYR C 79 34.16 -7.25 38.07
N ILE C 80 34.78 -7.70 36.99
CA ILE C 80 34.55 -9.06 36.50
C ILE C 80 34.79 -10.04 37.62
N ARG C 81 35.92 -9.90 38.31
CA ARG C 81 36.27 -10.86 39.34
C ARG C 81 35.20 -10.89 40.42
N GLN C 82 34.75 -9.71 40.85
CA GLN C 82 33.78 -9.61 41.95
C GLN C 82 32.46 -10.26 41.55
N PHE C 83 31.97 -9.94 40.37
CA PHE C 83 30.68 -10.48 39.97
C PHE C 83 30.75 -11.99 39.71
N LEU C 84 31.85 -12.47 39.10
CA LEU C 84 32.03 -13.91 38.92
C LEU C 84 32.08 -14.59 40.29
N ASN C 85 32.80 -14.00 41.26
CA ASN C 85 32.85 -14.55 42.63
C ASN C 85 31.45 -14.58 43.26
N ALA C 86 30.65 -13.54 43.01
CA ALA C 86 29.32 -13.42 43.59
C ALA C 86 28.30 -14.35 42.92
N GLY C 87 28.72 -15.03 41.85
CA GLY C 87 27.89 -16.03 41.20
C GLY C 87 27.14 -15.56 39.95
N LYS C 88 27.54 -14.44 39.36
CA LYS C 88 26.78 -13.85 38.28
C LYS C 88 27.42 -14.09 36.90
N HIS C 89 26.60 -14.19 35.85
CA HIS C 89 27.15 -14.24 34.50
C HIS C 89 27.66 -12.84 34.18
N VAL C 90 28.65 -12.74 33.29
CA VAL C 90 29.24 -11.46 32.99
C VAL C 90 29.41 -11.17 31.52
N LEU C 91 28.91 -10.01 31.13
CA LEU C 91 29.19 -9.42 29.84
C LEU C 91 30.10 -8.24 30.14
N VAL C 92 31.20 -8.12 29.38
CA VAL C 92 32.09 -6.99 29.53
C VAL C 92 32.46 -6.43 28.19
N GLU C 93 32.58 -5.10 28.11
CA GLU C 93 32.94 -4.46 26.86
C GLU C 93 34.46 -4.61 26.63
N TYR C 94 34.92 -4.57 25.37
CA TYR C 94 36.35 -4.75 25.13
C TYR C 94 37.09 -3.53 25.59
N PRO C 95 38.37 -3.72 25.97
CA PRO C 95 39.06 -4.98 26.19
C PRO C 95 38.67 -5.52 27.55
N MET C 96 38.50 -6.83 27.66
CA MET C 96 38.00 -7.39 28.93
C MET C 96 38.98 -7.13 30.08
N THR C 97 40.27 -7.14 29.77
CA THR C 97 41.31 -6.84 30.74
C THR C 97 42.46 -6.16 30.01
N LEU C 98 43.42 -5.62 30.76
CA LEU C 98 44.62 -5.06 30.19
C LEU C 98 45.84 -5.98 30.39
N SER C 99 45.61 -7.28 30.57
CA SER C 99 46.71 -8.25 30.60
C SER C 99 46.21 -9.63 30.25
N LEU C 100 47.06 -10.40 29.57
CA LEU C 100 46.75 -11.78 29.21
C LEU C 100 46.46 -12.62 30.45
N ALA C 101 47.37 -12.57 31.42
CA ALA C 101 47.27 -13.37 32.64
C ALA C 101 45.91 -13.19 33.32
N ALA C 102 45.47 -11.94 33.46
CA ALA C 102 44.20 -11.62 34.09
C ALA C 102 43.06 -12.27 33.37
N ALA C 103 43.06 -12.15 32.04
CA ALA C 103 42.01 -12.77 31.25
C ALA C 103 41.98 -14.29 31.52
N GLN C 104 43.14 -14.95 31.54
CA GLN C 104 43.18 -16.40 31.73
C GLN C 104 42.54 -16.80 33.05
N GLU C 105 42.85 -16.05 34.10
CA GLU C 105 42.33 -16.33 35.43
C GLU C 105 40.82 -16.18 35.42
N LEU C 106 40.34 -15.11 34.82
CA LEU C 106 38.91 -14.82 34.84
C LEU C 106 38.12 -15.84 34.02
N TRP C 107 38.67 -16.28 32.90
CA TRP C 107 38.06 -17.35 32.11
C TRP C 107 37.99 -18.62 32.96
N GLU C 108 39.12 -18.99 33.56
CA GLU C 108 39.20 -20.15 34.47
C GLU C 108 38.24 -20.04 35.66
N LEU C 109 38.00 -18.82 36.14
CA LEU C 109 37.07 -18.59 37.26
C LEU C 109 35.62 -18.86 36.79
N ALA C 110 35.25 -18.27 35.67
CA ALA C 110 33.92 -18.48 35.09
C ALA C 110 33.65 -19.97 34.89
N GLU C 111 34.62 -20.62 34.24
CA GLU C 111 34.57 -22.05 34.01
C GLU C 111 34.28 -22.79 35.32
N GLN C 112 35.06 -22.49 36.37
CA GLN C 112 34.90 -23.17 37.65
C GLN C 112 33.55 -22.81 38.28
N LYS C 113 33.19 -21.53 38.27
CA LYS C 113 31.90 -21.09 38.81
C LYS C 113 30.68 -21.45 37.92
N GLY C 114 30.94 -21.95 36.71
CA GLY C 114 29.88 -22.40 35.84
C GLY C 114 29.09 -21.30 35.16
N LYS C 115 29.68 -20.12 34.99
CA LYS C 115 28.97 -18.99 34.40
C LYS C 115 29.57 -18.61 33.07
N VAL C 116 28.81 -17.81 32.31
CA VAL C 116 29.27 -17.27 31.04
C VAL C 116 29.99 -15.95 31.26
N LEU C 117 31.17 -15.86 30.66
CA LEU C 117 31.94 -14.65 30.57
C LEU C 117 32.03 -14.31 29.11
N HIS C 118 31.75 -13.06 28.76
CA HIS C 118 31.60 -12.69 27.38
C HIS C 118 32.27 -11.34 27.15
N GLU C 119 33.26 -11.29 26.24
CA GLU C 119 33.86 -10.01 25.82
C GLU C 119 33.08 -9.57 24.60
N GLU C 120 32.50 -8.37 24.66
CA GLU C 120 31.75 -7.79 23.54
C GLU C 120 32.67 -7.45 22.34
N HIS C 121 32.20 -7.74 21.13
CA HIS C 121 32.94 -7.34 19.95
C HIS C 121 32.06 -6.83 18.85
N VAL C 122 31.44 -5.68 19.10
CA VAL C 122 30.55 -5.07 18.16
C VAL C 122 31.20 -4.82 16.78
N GLU C 123 32.52 -4.65 16.76
CA GLU C 123 33.23 -4.36 15.52
C GLU C 123 33.07 -5.50 14.53
N LEU C 124 32.94 -6.72 15.02
CA LEU C 124 32.61 -7.84 14.13
C LEU C 124 31.17 -7.83 13.61
N LEU C 125 30.35 -6.92 14.07
CA LEU C 125 28.94 -6.85 13.64
C LEU C 125 28.64 -5.62 12.78
N MET C 126 29.66 -4.89 12.41
CA MET C 126 29.50 -3.71 11.62
C MET C 126 29.33 -4.09 10.17
N GLU C 127 28.70 -3.20 9.42
CA GLU C 127 28.44 -3.45 8.00
C GLU C 127 29.77 -3.47 7.25
N GLU C 128 30.64 -2.56 7.59
CA GLU C 128 31.95 -2.53 6.97
C GLU C 128 32.64 -3.89 7.04
N PHE C 129 32.46 -4.61 8.15
CA PHE C 129 33.10 -5.90 8.33
C PHE C 129 32.33 -7.00 7.63
N ALA C 130 31.02 -6.90 7.66
CA ALA C 130 30.21 -7.86 6.95
C ALA C 130 30.77 -7.97 5.55
N PHE C 131 31.03 -6.80 4.94
CA PHE C 131 31.58 -6.71 3.59
C PHE C 131 32.93 -7.38 3.50
N LEU C 132 33.87 -6.96 4.35
CA LEU C 132 35.21 -7.50 4.25
C LEU C 132 35.20 -8.99 4.37
N LYS C 133 34.35 -9.50 5.27
CA LYS C 133 34.24 -10.96 5.49
C LYS C 133 33.96 -11.66 4.15
N LYS C 134 33.07 -11.09 3.36
CA LYS C 134 32.78 -11.64 2.03
C LYS C 134 33.88 -11.38 0.98
N GLU C 135 34.58 -10.24 1.03
CA GLU C 135 35.53 -9.91 -0.04
C GLU C 135 36.74 -10.77 0.08
N VAL C 136 37.22 -10.89 1.31
CA VAL C 136 38.43 -11.65 1.60
C VAL C 136 38.30 -13.14 1.26
N VAL C 137 37.08 -13.67 1.34
CA VAL C 137 36.85 -15.12 1.28
C VAL C 137 37.64 -15.87 0.23
N GLY C 138 37.66 -15.39 -1.00
CA GLY C 138 38.32 -16.16 -2.04
C GLY C 138 39.84 -16.02 -2.17
N LYS C 139 40.49 -15.28 -1.27
CA LYS C 139 41.77 -14.64 -1.64
C LYS C 139 43.03 -15.03 -0.87
N ASP C 140 44.17 -14.72 -1.50
CA ASP C 140 45.50 -14.92 -0.93
C ASP C 140 46.25 -13.57 -0.82
N LEU C 141 46.37 -13.05 0.41
CA LEU C 141 46.88 -11.69 0.66
C LEU C 141 48.37 -11.55 0.48
N LEU C 142 48.79 -10.69 -0.46
CA LEU C 142 50.18 -10.26 -0.61
C LEU C 142 50.63 -9.40 0.59
N LYS C 143 50.11 -8.17 0.67
CA LYS C 143 50.43 -7.23 1.75
C LYS C 143 49.15 -6.50 2.10
N GLY C 144 49.12 -5.85 3.26
CA GLY C 144 47.91 -5.15 3.72
C GLY C 144 48.12 -4.19 4.89
N SER C 145 47.26 -3.19 5.01
CA SER C 145 47.42 -2.17 6.04
C SER C 145 46.11 -1.54 6.53
N LEU C 146 46.06 -1.25 7.82
CA LEU C 146 44.88 -0.69 8.47
C LEU C 146 45.23 0.44 9.41
N LEU C 147 44.73 1.64 9.12
CA LEU C 147 45.00 2.81 9.91
C LEU C 147 43.71 3.26 10.56
N PHE C 148 43.75 3.53 11.88
CA PHE C 148 42.62 4.12 12.59
C PHE C 148 43.03 5.39 13.31
N THR C 149 42.29 6.48 13.08
CA THR C 149 42.56 7.75 13.72
C THR C 149 41.40 8.14 14.60
N ALA C 150 41.72 8.87 15.66
CA ALA C 150 40.72 9.33 16.62
C ALA C 150 41.28 10.49 17.43
N GLY C 151 40.48 10.97 18.40
CA GLY C 151 40.91 11.99 19.35
C GLY C 151 41.71 11.37 20.49
N PRO C 152 42.31 12.22 21.34
CA PRO C 152 43.14 11.68 22.42
C PRO C 152 42.31 10.84 23.39
N LEU C 153 42.94 9.85 24.03
CA LEU C 153 42.26 8.95 24.97
C LEU C 153 43.13 8.74 26.21
N GLU C 154 42.54 8.87 27.39
CA GLU C 154 43.29 8.77 28.65
C GLU C 154 43.74 7.32 28.91
N GLU C 155 45.02 7.09 28.70
CA GLU C 155 45.62 5.77 28.84
C GLU C 155 45.43 5.21 30.23
N GLU C 156 45.43 6.09 31.25
CA GLU C 156 45.25 5.69 32.66
C GLU C 156 43.92 4.93 32.87
N ARG C 157 42.95 5.16 32.00
CA ARG C 157 41.60 4.62 32.18
C ARG C 157 41.07 3.76 31.02
N PHE C 158 41.56 3.97 29.81
CA PHE C 158 41.23 3.08 28.67
C PHE C 158 42.43 2.21 28.24
N GLY C 159 43.58 2.46 28.85
CA GLY C 159 44.79 1.64 28.67
C GLY C 159 45.57 1.92 27.41
N PHE C 160 46.65 1.17 27.27
CA PHE C 160 47.51 1.22 26.10
C PHE C 160 46.72 1.04 24.78
N PRO C 161 47.13 1.72 23.68
CA PRO C 161 46.38 1.74 22.44
C PRO C 161 46.09 0.38 21.80
N ALA C 162 47.06 -0.52 21.83
CA ALA C 162 46.85 -1.89 21.36
C ALA C 162 45.66 -2.54 22.06
N PHE C 163 45.37 -2.14 23.29
CA PHE C 163 44.21 -2.65 24.00
C PHE C 163 42.97 -1.85 23.69
N SER C 164 43.07 -0.53 23.77
CA SER C 164 41.91 0.32 23.48
C SER C 164 41.43 0.15 22.04
N GLY C 165 42.33 -0.23 21.14
CA GLY C 165 41.98 -0.50 19.74
C GLY C 165 42.06 -1.97 19.36
N ILE C 166 41.88 -2.85 20.35
CA ILE C 166 41.94 -4.26 20.07
C ILE C 166 40.88 -4.64 19.00
N SER C 167 39.84 -3.82 18.86
CA SER C 167 38.85 -4.00 17.80
C SER C 167 39.52 -4.10 16.42
N ARG C 168 40.45 -3.19 16.13
CA ARG C 168 41.13 -3.21 14.85
C ARG C 168 41.92 -4.48 14.68
N LEU C 169 42.54 -4.92 15.76
CA LEU C 169 43.34 -6.12 15.69
C LEU C 169 42.42 -7.30 15.41
N THR C 170 41.28 -7.27 16.10
CA THR C 170 40.35 -8.37 15.96
C THR C 170 39.81 -8.48 14.52
N TRP C 171 39.75 -7.38 13.79
CA TRP C 171 39.43 -7.47 12.37
C TRP C 171 40.51 -8.28 11.67
N LEU C 172 41.75 -7.80 11.79
CA LEU C 172 42.84 -8.39 11.03
C LEU C 172 42.91 -9.86 11.39
N VAL C 173 42.77 -10.20 12.67
CA VAL C 173 42.84 -11.59 13.06
C VAL C 173 41.68 -12.42 12.51
N SER C 174 40.47 -11.87 12.60
CA SER C 174 39.27 -12.53 12.09
C SER C 174 39.32 -12.72 10.60
N LEU C 175 39.86 -11.74 9.87
CA LEU C 175 39.95 -11.85 8.40
C LEU C 175 41.11 -12.71 7.91
N PHE C 176 42.20 -12.75 8.67
CA PHE C 176 43.43 -13.33 8.16
C PHE C 176 44.09 -14.37 9.07
N GLY C 177 43.39 -14.81 10.11
CA GLY C 177 43.88 -15.90 10.96
C GLY C 177 44.83 -15.37 12.01
N GLU C 178 45.50 -16.27 12.74
CA GLU C 178 46.38 -15.85 13.84
C GLU C 178 47.65 -15.20 13.30
N LEU C 179 48.08 -14.15 13.98
CA LEU C 179 49.15 -13.29 13.51
C LEU C 179 50.29 -13.27 14.51
N SER C 180 51.48 -12.97 14.02
CA SER C 180 52.65 -12.85 14.86
C SER C 180 53.25 -11.44 14.71
N LEU C 181 53.98 -11.05 15.74
CA LEU C 181 54.53 -9.70 15.83
C LEU C 181 55.96 -9.68 15.29
N VAL C 182 56.21 -8.80 14.33
CA VAL C 182 57.57 -8.65 13.79
C VAL C 182 58.24 -7.43 14.44
N SER C 183 57.47 -6.33 14.58
CA SER C 183 57.97 -5.13 15.26
C SER C 183 56.83 -4.17 15.62
N ALA C 184 57.15 -3.17 16.44
CA ALA C 184 56.15 -2.23 16.96
C ALA C 184 56.84 -0.99 17.51
N THR C 185 56.58 0.19 16.94
CA THR C 185 57.14 1.45 17.44
C THR C 185 56.02 2.37 17.92
N LEU C 186 56.36 3.34 18.78
CA LEU C 186 55.37 4.28 19.32
C LEU C 186 55.94 5.67 19.57
N GLU C 187 55.32 6.69 18.97
CA GLU C 187 55.67 8.10 19.20
C GLU C 187 54.68 8.83 20.13
N GLU C 188 55.22 9.67 21.02
CA GLU C 188 54.40 10.50 21.91
C GLU C 188 54.97 11.93 22.04
N ARG C 189 54.09 12.92 22.11
CA ARG C 189 54.45 14.32 22.34
C ARG C 189 53.29 15.01 23.10
N LYS C 190 53.39 15.08 24.42
CA LYS C 190 52.30 15.61 25.25
C LYS C 190 52.47 17.12 25.41
N GLN C 193 49.86 17.25 22.61
CA GLN C 193 48.86 16.24 22.98
C GLN C 193 48.60 15.18 21.88
N TYR C 194 49.66 14.50 21.43
CA TYR C 194 49.65 13.61 20.24
C TYR C 194 50.24 12.17 20.47
N MET C 195 49.82 11.19 19.66
CA MET C 195 50.39 9.84 19.73
C MET C 195 50.15 8.98 18.48
N LYS C 196 51.15 8.21 18.07
CA LYS C 196 51.04 7.31 16.90
C LYS C 196 51.71 5.95 17.15
N MET C 197 50.96 4.85 16.99
CA MET C 197 51.49 3.48 17.20
C MET C 197 51.56 2.73 15.88
N THR C 198 52.75 2.30 15.51
CA THR C 198 52.97 1.57 14.25
C THR C 198 53.34 0.15 14.57
N VAL C 199 52.50 -0.79 14.18
CA VAL C 199 52.76 -2.21 14.41
C VAL C 199 52.97 -2.97 13.10
N CYS C 200 53.77 -4.03 13.15
CA CYS C 200 53.95 -4.91 12.01
C CYS C 200 53.71 -6.33 12.43
N LEU C 201 52.77 -6.94 11.75
CA LEU C 201 52.35 -8.33 12.01
C LEU C 201 52.56 -9.15 10.74
N GLU C 202 52.68 -10.47 10.91
CA GLU C 202 52.69 -11.41 9.77
C GLU C 202 51.60 -12.46 9.97
N THR C 203 51.09 -13.02 8.87
CA THR C 203 50.12 -14.12 8.93
C THR C 203 50.85 -15.45 8.95
N GLU C 204 50.14 -16.55 9.20
CA GLU C 204 50.76 -17.89 9.18
C GLU C 204 51.47 -18.14 7.85
N LYS C 205 50.92 -17.71 6.72
CA LYS C 205 51.61 -17.82 5.42
C LYS C 205 52.68 -16.72 5.22
N LYS C 206 53.00 -15.99 6.30
CA LYS C 206 54.15 -15.07 6.37
C LYS C 206 54.02 -13.81 5.51
N SER C 207 52.79 -13.30 5.33
CA SER C 207 52.60 -12.08 4.56
C SER C 207 52.26 -10.87 5.46
N PRO C 208 52.81 -9.68 5.14
CA PRO C 208 52.92 -8.56 6.10
C PRO C 208 51.64 -7.76 6.22
N LEU C 209 51.22 -7.50 7.45
CA LEU C 209 50.10 -6.60 7.76
C LEU C 209 50.61 -5.46 8.60
N SER C 210 50.22 -4.24 8.27
CA SER C 210 50.63 -3.06 9.01
C SER C 210 49.42 -2.51 9.73
N TRP C 211 49.60 -2.16 11.00
CA TRP C 211 48.48 -1.67 11.81
C TRP C 211 48.91 -0.41 12.53
N ILE C 212 48.20 0.69 12.28
CA ILE C 212 48.54 1.96 12.87
C ILE C 212 47.37 2.61 13.56
N GLU C 213 47.59 3.01 14.80
CA GLU C 213 46.60 3.76 15.55
C GLU C 213 47.17 5.15 15.77
N GLU C 214 46.48 6.18 15.30
CA GLU C 214 46.88 7.56 15.50
C GLU C 214 45.82 8.26 16.35
N LYS C 215 46.26 8.93 17.43
CA LYS C 215 45.35 9.63 18.34
C LYS C 215 45.89 11.02 18.64
N GLY C 216 45.15 12.06 18.25
CA GLY C 216 45.54 13.42 18.56
C GLY C 216 44.39 14.38 18.47
N PRO C 217 44.60 15.65 18.85
CA PRO C 217 43.53 16.63 18.82
C PRO C 217 43.24 17.05 17.39
N GLY C 218 41.99 17.45 17.13
CA GLY C 218 41.58 17.85 15.79
C GLY C 218 41.47 16.70 14.79
N LEU C 219 41.60 15.46 15.26
CA LEU C 219 41.56 14.30 14.36
C LEU C 219 40.18 13.67 14.40
N LYS C 220 39.51 13.67 13.26
CA LYS C 220 38.19 13.07 13.11
C LYS C 220 38.32 11.54 13.11
N ARG C 221 37.66 10.91 14.07
CA ARG C 221 37.53 9.46 14.14
C ARG C 221 37.33 8.83 12.76
N ASN C 222 38.33 8.09 12.28
CA ASN C 222 38.31 7.51 10.93
C ASN C 222 39.11 6.23 10.75
N ARG C 223 38.73 5.45 9.74
CA ARG C 223 39.40 4.18 9.41
C ARG C 223 39.81 4.18 7.95
N TYR C 224 41.04 3.73 7.68
CA TYR C 224 41.58 3.64 6.33
C TYR C 224 42.24 2.30 6.15
N LEU C 225 42.05 1.71 4.98
CA LEU C 225 42.27 0.30 4.82
C LEU C 225 42.75 0.00 3.41
N SER C 226 43.76 -0.84 3.29
CA SER C 226 44.24 -1.18 1.95
C SER C 226 44.79 -2.60 1.89
N PHE C 227 44.16 -3.46 1.11
CA PHE C 227 44.57 -4.86 0.97
C PHE C 227 45.01 -5.19 -0.44
N HIS C 228 46.10 -5.94 -0.54
CA HIS C 228 46.60 -6.41 -1.82
C HIS C 228 46.66 -7.94 -1.87
N PHE C 229 46.10 -8.50 -2.92
CA PHE C 229 46.01 -9.93 -3.07
C PHE C 229 46.72 -10.33 -4.35
N LYS C 230 46.93 -11.63 -4.56
CA LYS C 230 47.55 -12.12 -5.79
C LYS C 230 46.66 -11.80 -6.99
N SER C 231 45.35 -11.68 -6.74
CA SER C 231 44.35 -11.40 -7.79
C SER C 231 44.09 -9.90 -8.09
N GLY C 232 44.36 -9.03 -7.11
CA GLY C 232 44.03 -7.62 -7.20
C GLY C 232 44.01 -7.00 -5.83
N SER C 233 43.56 -5.75 -5.74
CA SER C 233 43.63 -5.01 -4.48
C SER C 233 42.31 -4.33 -4.13
N LEU C 234 42.25 -3.86 -2.88
CA LEU C 234 41.11 -3.13 -2.33
C LEU C 234 41.63 -1.90 -1.57
N GLU C 235 41.39 -0.71 -2.11
CA GLU C 235 41.91 0.54 -1.50
C GLU C 235 40.90 1.20 -0.56
N ASN C 236 39.61 0.94 -0.73
CA ASN C 236 38.57 1.48 0.14
C ASN C 236 37.52 0.41 0.43
N VAL C 237 36.88 0.49 1.59
CA VAL C 237 35.59 -0.13 1.70
C VAL C 237 34.62 0.83 1.03
N PRO C 238 33.76 0.33 0.13
CA PRO C 238 32.78 1.19 -0.49
C PRO C 238 31.69 1.58 0.49
N ASN C 239 30.82 2.52 0.11
CA ASN C 239 29.69 2.87 0.95
C ASN C 239 28.80 1.64 1.05
N VAL C 240 28.65 1.16 2.28
CA VAL C 240 27.98 -0.07 2.57
C VAL C 240 26.81 0.19 3.52
N GLY C 241 26.40 1.44 3.65
CA GLY C 241 25.36 1.84 4.59
C GLY C 241 25.84 2.01 6.02
N VAL C 242 24.95 2.38 6.93
CA VAL C 242 25.32 2.65 8.33
C VAL C 242 25.14 1.41 9.20
N ASN C 243 25.90 1.32 10.28
CA ASN C 243 25.75 0.24 11.28
C ASN C 243 24.35 0.21 11.93
N LYS C 244 23.85 -0.97 12.24
CA LYS C 244 22.51 -1.08 12.82
C LYS C 244 22.48 -2.00 14.05
N ASN C 245 22.21 -1.39 15.21
CA ASN C 245 22.18 -2.06 16.50
C ASN C 245 23.30 -3.04 16.70
N ILE C 246 24.52 -2.64 16.41
CA ILE C 246 25.65 -3.53 16.73
C ILE C 246 25.60 -3.96 18.23
N PHE C 247 25.37 -3.04 19.15
CA PHE C 247 25.28 -3.49 20.55
C PHE C 247 24.18 -4.51 20.77
N LEU C 248 22.96 -4.29 20.28
CA LEU C 248 21.90 -5.27 20.50
C LEU C 248 22.32 -6.61 20.00
N LYS C 249 22.91 -6.60 18.81
CA LYS C 249 23.34 -7.82 18.18
C LYS C 249 24.31 -8.60 19.05
N ASP C 250 25.17 -7.86 19.77
CA ASP C 250 26.08 -8.52 20.68
C ASP C 250 25.31 -9.11 21.84
N GLN C 251 24.32 -8.37 22.35
CA GLN C 251 23.53 -8.88 23.44
C GLN C 251 22.92 -10.21 23.01
N ASN C 252 22.51 -10.24 21.74
CA ASN C 252 21.88 -11.44 21.26
C ASN C 252 22.83 -12.62 21.37
N ILE C 253 24.07 -12.43 20.96
CA ILE C 253 25.04 -13.50 21.12
C ILE C 253 25.20 -13.89 22.59
N PHE C 254 25.21 -12.92 23.47
CA PHE C 254 25.30 -13.23 24.87
C PHE C 254 24.15 -14.10 25.37
N VAL C 255 22.93 -13.75 24.99
CA VAL C 255 21.78 -14.51 25.44
C VAL C 255 21.82 -15.92 24.88
N GLN C 256 22.34 -16.06 23.67
CA GLN C 256 22.42 -17.38 23.06
C GLN C 256 23.37 -18.24 23.88
N LYS C 257 24.40 -17.62 24.44
CA LYS C 257 25.29 -18.31 25.33
C LYS C 257 24.58 -18.67 26.62
N LEU C 258 23.85 -17.71 27.22
CA LEU C 258 23.01 -18.01 28.39
C LEU C 258 22.07 -19.21 28.16
N LEU C 259 21.57 -19.37 26.95
CA LEU C 259 20.69 -20.51 26.65
C LEU C 259 21.45 -21.74 26.09
N GLY C 260 22.78 -21.69 26.07
CA GLY C 260 23.59 -22.80 25.58
C GLY C 260 23.41 -23.14 24.10
N GLN C 261 23.06 -22.16 23.29
CA GLN C 261 22.81 -22.45 21.88
C GLN C 261 24.07 -22.55 21.07
N PHE C 262 25.24 -22.30 21.66
CA PHE C 262 26.47 -22.48 20.91
C PHE C 262 27.19 -23.77 21.31
N SER C 263 27.96 -24.34 20.39
CA SER C 263 28.68 -25.59 20.66
C SER C 263 29.97 -25.36 21.46
N GLU C 264 30.51 -26.44 22.00
CA GLU C 264 31.82 -26.38 22.63
C GLU C 264 32.85 -25.93 21.57
N LYS C 265 32.87 -26.60 20.42
CA LYS C 265 33.80 -26.25 19.33
C LYS C 265 33.80 -24.72 19.12
N GLU C 266 32.62 -24.11 19.05
CA GLU C 266 32.48 -22.68 18.78
C GLU C 266 32.97 -21.80 19.90
N LEU C 267 32.51 -22.09 21.12
CA LEU C 267 32.93 -21.33 22.29
C LEU C 267 34.42 -21.40 22.48
N ALA C 268 35.01 -22.56 22.24
CA ALA C 268 36.48 -22.71 22.26
C ALA C 268 37.18 -21.81 21.23
N ALA C 269 36.76 -21.88 19.98
CA ALA C 269 37.39 -21.08 18.94
C ALA C 269 37.40 -19.60 19.36
N GLU C 270 36.29 -19.13 19.94
CA GLU C 270 36.16 -17.70 20.37
C GLU C 270 37.12 -17.36 21.54
N LYS C 271 37.16 -18.20 22.57
CA LYS C 271 38.10 -17.99 23.68
C LYS C 271 39.53 -17.89 23.12
N LYS C 272 39.89 -18.83 22.25
CA LYS C 272 41.23 -18.86 21.69
C LYS C 272 41.56 -17.55 21.01
N ARG C 273 40.61 -17.06 20.20
CA ARG C 273 40.83 -15.83 19.46
C ARG C 273 40.97 -14.67 20.41
N ILE C 274 40.08 -14.59 21.40
CA ILE C 274 40.13 -13.47 22.31
C ILE C 274 41.49 -13.39 22.96
N LEU C 275 41.95 -14.51 23.52
CA LEU C 275 43.24 -14.56 24.18
C LEU C 275 44.39 -14.31 23.22
N HIS C 276 44.31 -14.83 22.00
CA HIS C 276 45.32 -14.54 20.98
C HIS C 276 45.52 -13.05 20.81
N CYS C 277 44.43 -12.29 20.79
CA CYS C 277 44.51 -10.83 20.66
C CYS C 277 45.00 -10.13 21.91
N LEU C 278 44.45 -10.47 23.07
CA LEU C 278 44.93 -9.88 24.30
C LEU C 278 46.45 -10.09 24.39
N GLY C 279 46.90 -11.31 24.08
CA GLY C 279 48.33 -11.63 24.03
C GLY C 279 49.15 -10.73 23.11
N LEU C 280 48.66 -10.54 21.89
CA LEU C 280 49.36 -9.66 20.95
C LEU C 280 49.42 -8.23 21.47
N ALA C 281 48.30 -7.72 21.98
CA ALA C 281 48.29 -6.39 22.61
C ALA C 281 49.42 -6.29 23.63
N GLU C 282 49.59 -7.34 24.44
CA GLU C 282 50.66 -7.38 25.44
C GLU C 282 52.04 -7.43 24.80
N GLU C 283 52.27 -8.39 23.90
CA GLU C 283 53.57 -8.52 23.21
C GLU C 283 53.91 -7.19 22.52
N ILE C 284 52.91 -6.48 21.98
CA ILE C 284 53.14 -5.16 21.36
C ILE C 284 53.53 -4.13 22.41
N GLN C 285 52.80 -4.07 23.52
CA GLN C 285 53.10 -3.11 24.61
C GLN C 285 54.53 -3.30 25.11
N LYS C 286 54.95 -4.55 25.32
CA LYS C 286 56.38 -4.87 25.59
C LYS C 286 57.30 -4.17 24.58
N TYR C 287 57.25 -4.60 23.33
CA TYR C 287 58.18 -4.08 22.30
C TYR C 287 57.91 -2.59 22.11
N MET D 2 -40.29 30.48 -12.27
CA MET D 2 -39.45 29.50 -13.05
C MET D 2 -40.01 29.20 -14.46
N ARG D 3 -39.14 29.43 -15.42
CA ARG D 3 -39.21 29.07 -16.87
C ARG D 3 -38.90 27.60 -17.23
N LYS D 4 -39.95 26.81 -17.42
CA LYS D 4 -39.84 25.38 -17.71
C LYS D 4 -40.08 25.05 -19.17
N PHE D 5 -39.34 24.07 -19.69
CA PHE D 5 -39.55 23.58 -21.07
C PHE D 5 -40.73 22.64 -21.16
N GLY D 6 -41.62 22.85 -22.15
CA GLY D 6 -42.74 21.94 -22.38
C GLY D 6 -42.29 20.60 -22.96
N VAL D 7 -42.70 19.51 -22.34
CA VAL D 7 -42.33 18.19 -22.84
C VAL D 7 -43.52 17.32 -23.19
N VAL D 8 -43.36 16.54 -24.26
CA VAL D 8 -44.30 15.48 -24.61
C VAL D 8 -43.53 14.15 -24.76
N VAL D 9 -44.09 13.08 -24.23
CA VAL D 9 -43.50 11.76 -24.34
C VAL D 9 -44.22 11.01 -25.45
N VAL D 10 -43.51 10.57 -26.46
CA VAL D 10 -44.11 9.84 -27.57
C VAL D 10 -43.88 8.35 -27.41
N GLY D 11 -44.94 7.58 -27.26
CA GLY D 11 -44.79 6.15 -27.07
C GLY D 11 -44.74 5.80 -25.60
N VAL D 12 -45.85 5.29 -25.06
CA VAL D 12 -45.96 4.98 -23.64
C VAL D 12 -45.74 3.48 -23.42
N GLY D 13 -44.52 3.03 -23.59
CA GLY D 13 -44.16 1.64 -23.29
C GLY D 13 -43.37 1.59 -21.97
N ARG D 14 -42.49 0.60 -21.82
CA ARG D 14 -41.60 0.54 -20.67
C ARG D 14 -40.77 1.85 -20.56
N ALA D 15 -40.01 2.18 -21.60
CA ALA D 15 -39.22 3.42 -21.57
C ALA D 15 -40.08 4.63 -21.25
N GLY D 16 -41.19 4.79 -21.97
CA GLY D 16 -42.01 5.99 -21.83
C GLY D 16 -42.63 6.17 -20.46
N SER D 17 -43.01 5.08 -19.80
CA SER D 17 -43.54 5.13 -18.44
C SER D 17 -42.49 5.68 -17.48
N VAL D 18 -41.27 5.14 -17.53
CA VAL D 18 -40.23 5.62 -16.62
C VAL D 18 -40.00 7.12 -16.82
N ARG D 19 -40.00 7.58 -18.06
CA ARG D 19 -39.81 8.99 -18.30
C ARG D 19 -40.90 9.80 -17.66
N MET D 20 -42.13 9.37 -17.82
CA MET D 20 -43.25 10.16 -17.28
C MET D 20 -43.22 10.18 -15.76
N ARG D 21 -42.83 9.07 -15.17
CA ARG D 21 -42.70 8.96 -13.73
C ARG D 21 -41.62 9.90 -13.21
N ASP D 22 -40.50 9.96 -13.92
CA ASP D 22 -39.38 10.83 -13.56
C ASP D 22 -39.72 12.31 -13.73
N LEU D 23 -40.48 12.65 -14.78
CA LEU D 23 -40.94 14.03 -14.96
C LEU D 23 -41.88 14.44 -13.84
N ARG D 24 -42.77 13.54 -13.44
CA ARG D 24 -43.81 13.87 -12.44
C ARG D 24 -43.24 13.93 -11.04
N ASN D 25 -42.14 13.24 -10.80
CA ASN D 25 -41.49 13.27 -9.49
C ASN D 25 -40.57 14.47 -9.35
N PRO D 26 -40.36 14.95 -8.10
CA PRO D 26 -39.49 16.10 -7.91
C PRO D 26 -38.00 15.75 -7.92
N HIS D 27 -37.28 16.31 -8.91
CA HIS D 27 -35.84 16.17 -9.03
C HIS D 27 -35.24 17.43 -9.63
N PRO D 28 -33.90 17.64 -9.51
CA PRO D 28 -33.32 18.83 -10.15
C PRO D 28 -33.59 18.95 -11.64
N SER D 29 -33.29 17.91 -12.41
CA SER D 29 -33.62 17.90 -13.84
C SER D 29 -35.07 18.33 -14.11
N SER D 30 -35.99 17.68 -13.40
CA SER D 30 -37.40 17.82 -13.68
C SER D 30 -37.89 19.24 -13.43
N ALA D 31 -37.30 19.90 -12.44
CA ALA D 31 -37.66 21.27 -12.13
C ALA D 31 -37.60 22.18 -13.37
N PHE D 32 -36.83 21.81 -14.39
CA PHE D 32 -36.69 22.64 -15.58
C PHE D 32 -37.63 22.23 -16.69
N LEU D 33 -38.31 21.11 -16.49
CA LEU D 33 -39.28 20.60 -17.48
C LEU D 33 -40.72 20.65 -16.98
N ASN D 34 -41.62 20.42 -17.92
CA ASN D 34 -43.05 20.51 -17.66
C ASN D 34 -43.75 19.60 -18.65
N LEU D 35 -44.25 18.48 -18.15
CA LEU D 35 -44.90 17.45 -18.97
C LEU D 35 -46.29 17.95 -19.34
N ILE D 36 -46.47 18.20 -20.63
CA ILE D 36 -47.72 18.74 -21.16
C ILE D 36 -48.72 17.64 -21.60
N GLY D 37 -48.19 16.54 -22.10
CA GLY D 37 -49.00 15.40 -22.53
C GLY D 37 -48.18 14.27 -23.10
N PHE D 38 -48.85 13.24 -23.58
CA PHE D 38 -48.18 12.14 -24.26
C PHE D 38 -48.89 11.82 -25.54
N VAL D 39 -48.18 11.08 -26.39
CA VAL D 39 -48.68 10.67 -27.69
C VAL D 39 -48.56 9.15 -27.77
N SER D 40 -49.64 8.51 -28.16
CA SER D 40 -49.67 7.07 -28.29
C SER D 40 -50.49 6.68 -29.52
N ARG D 41 -50.07 5.61 -30.20
CA ARG D 41 -50.83 5.00 -31.27
C ARG D 41 -52.16 4.43 -30.73
N ARG D 42 -52.22 4.13 -29.43
CA ARG D 42 -53.44 3.63 -28.76
C ARG D 42 -54.16 4.73 -28.01
N GLU D 43 -55.45 4.52 -27.75
CA GLU D 43 -56.30 5.53 -27.08
C GLU D 43 -56.39 5.25 -25.59
N LEU D 44 -55.45 5.83 -24.82
CA LEU D 44 -55.32 5.57 -23.38
C LEU D 44 -56.10 6.57 -22.48
N GLY D 45 -56.28 7.82 -22.94
CA GLY D 45 -57.01 8.83 -22.14
C GLY D 45 -56.11 9.68 -21.23
N SER D 46 -55.64 9.10 -20.13
CA SER D 46 -54.83 9.85 -19.16
C SER D 46 -54.08 8.90 -18.27
N ILE D 47 -52.77 9.05 -18.21
CA ILE D 47 -51.97 8.14 -17.40
C ILE D 47 -52.03 8.54 -15.93
N ASP D 48 -51.34 9.61 -15.53
CA ASP D 48 -51.37 10.05 -14.12
C ASP D 48 -51.93 11.45 -13.98
N GLY D 49 -53.13 11.66 -14.47
CA GLY D 49 -53.62 13.01 -14.65
C GLY D 49 -52.91 13.71 -15.81
N VAL D 50 -51.98 13.02 -16.46
CA VAL D 50 -51.36 13.47 -17.70
C VAL D 50 -52.29 13.14 -18.88
N GLN D 51 -52.53 14.09 -19.77
CA GLN D 51 -53.50 13.91 -20.87
C GLN D 51 -52.85 13.30 -22.09
N GLN D 52 -53.59 12.48 -22.81
CA GLN D 52 -53.20 12.12 -24.17
C GLN D 52 -53.42 13.30 -25.11
N ILE D 53 -52.52 13.43 -26.09
CA ILE D 53 -52.66 14.45 -27.11
C ILE D 53 -52.17 13.89 -28.44
N SER D 54 -52.73 14.42 -29.51
CA SER D 54 -52.47 13.89 -30.85
C SER D 54 -51.11 14.31 -31.30
N LEU D 55 -50.49 13.47 -32.13
CA LEU D 55 -49.25 13.81 -32.85
C LEU D 55 -49.42 15.14 -33.57
N GLU D 56 -50.56 15.31 -34.23
CA GLU D 56 -50.88 16.54 -34.91
C GLU D 56 -50.76 17.73 -33.95
N ASP D 57 -51.50 17.71 -32.83
CA ASP D 57 -51.51 18.89 -31.92
C ASP D 57 -50.16 19.07 -31.26
N ALA D 58 -49.45 17.95 -31.12
CA ALA D 58 -48.17 17.97 -30.46
C ALA D 58 -47.16 18.71 -31.32
N LEU D 59 -47.19 18.48 -32.63
CA LEU D 59 -46.29 19.15 -33.55
C LEU D 59 -46.68 20.61 -33.72
N SER D 60 -47.98 20.87 -33.69
CA SER D 60 -48.50 22.24 -33.75
C SER D 60 -47.96 23.09 -32.64
N SER D 61 -48.03 22.55 -31.43
CA SER D 61 -48.09 23.34 -30.22
C SER D 61 -46.82 24.17 -29.98
N GLN D 62 -47.01 25.49 -29.87
CA GLN D 62 -46.02 26.41 -29.31
C GLN D 62 -45.57 25.91 -27.92
N GLU D 63 -46.55 25.49 -27.10
CA GLU D 63 -46.31 25.11 -25.72
C GLU D 63 -45.33 23.95 -25.62
N VAL D 64 -45.34 23.07 -26.63
CA VAL D 64 -44.46 21.87 -26.61
C VAL D 64 -43.14 22.15 -27.28
N GLU D 65 -42.05 22.05 -26.52
CA GLU D 65 -40.70 22.43 -27.00
C GLU D 65 -39.70 21.29 -27.06
N VAL D 66 -40.01 20.17 -26.42
CA VAL D 66 -39.13 19.03 -26.38
C VAL D 66 -39.98 17.80 -26.58
N ALA D 67 -39.50 16.89 -27.40
CA ALA D 67 -40.16 15.60 -27.60
C ALA D 67 -39.24 14.54 -27.10
N TYR D 68 -39.78 13.64 -26.28
CA TYR D 68 -39.07 12.40 -25.84
C TYR D 68 -39.58 11.30 -26.74
N ILE D 69 -38.73 10.72 -27.55
CA ILE D 69 -39.20 9.64 -28.37
C ILE D 69 -38.86 8.31 -27.70
N CYS D 70 -39.90 7.58 -27.28
CA CYS D 70 -39.76 6.29 -26.55
C CYS D 70 -40.48 5.11 -27.22
N SER D 71 -40.66 5.20 -28.53
CA SER D 71 -41.33 4.19 -29.29
C SER D 71 -40.35 3.09 -29.68
N GLU D 72 -40.83 2.02 -30.30
CA GLU D 72 -39.94 0.99 -30.85
C GLU D 72 -39.00 1.62 -31.80
N SER D 73 -37.78 1.08 -31.84
CA SER D 73 -36.69 1.61 -32.66
C SER D 73 -37.05 1.90 -34.12
N SER D 74 -37.89 1.07 -34.74
CA SER D 74 -38.25 1.23 -36.16
C SER D 74 -38.94 2.55 -36.52
N SER D 75 -39.58 3.18 -35.56
CA SER D 75 -40.28 4.42 -35.80
C SER D 75 -39.48 5.64 -35.32
N HIS D 76 -38.32 5.42 -34.73
CA HIS D 76 -37.59 6.56 -34.17
C HIS D 76 -37.33 7.58 -35.25
N GLU D 77 -36.68 7.12 -36.31
CA GLU D 77 -36.29 8.00 -37.40
C GLU D 77 -37.46 8.83 -37.95
N ASP D 78 -38.59 8.18 -38.10
CA ASP D 78 -39.75 8.91 -38.52
C ASP D 78 -40.08 10.06 -37.54
N TYR D 79 -40.24 9.71 -36.26
CA TYR D 79 -40.64 10.70 -35.26
C TYR D 79 -39.61 11.82 -35.12
N ILE D 80 -38.33 11.44 -35.02
CA ILE D 80 -37.29 12.44 -34.86
C ILE D 80 -37.42 13.52 -35.94
N ARG D 81 -37.53 13.08 -37.18
CA ARG D 81 -37.54 14.01 -38.29
C ARG D 81 -38.70 14.96 -38.13
N GLN D 82 -39.86 14.41 -37.80
CA GLN D 82 -41.08 15.23 -37.71
C GLN D 82 -40.91 16.28 -36.64
N PHE D 83 -40.41 15.89 -35.48
CA PHE D 83 -40.32 16.85 -34.40
C PHE D 83 -39.24 17.88 -34.69
N LEU D 84 -38.11 17.45 -35.24
CA LEU D 84 -37.04 18.39 -35.53
C LEU D 84 -37.57 19.40 -36.53
N ASN D 85 -38.33 18.93 -37.51
CA ASN D 85 -38.89 19.83 -38.47
C ASN D 85 -39.96 20.75 -37.87
N ALA D 86 -40.69 20.29 -36.87
CA ALA D 86 -41.69 21.11 -36.19
C ALA D 86 -41.05 22.13 -35.24
N GLY D 87 -39.71 22.01 -35.07
CA GLY D 87 -38.91 22.98 -34.29
C GLY D 87 -38.74 22.64 -32.83
N LYS D 88 -38.79 21.35 -32.49
CA LYS D 88 -38.69 20.87 -31.10
C LYS D 88 -37.35 20.19 -30.81
N HIS D 89 -36.83 20.30 -29.59
CA HIS D 89 -35.62 19.52 -29.20
C HIS D 89 -36.03 18.08 -29.06
N VAL D 90 -35.09 17.16 -29.22
CA VAL D 90 -35.42 15.77 -29.19
C VAL D 90 -34.50 14.93 -28.37
N LEU D 91 -35.10 14.12 -27.52
CA LEU D 91 -34.41 13.08 -26.79
C LEU D 91 -34.98 11.80 -27.35
N VAL D 92 -34.11 10.87 -27.73
CA VAL D 92 -34.56 9.59 -28.27
C VAL D 92 -33.81 8.45 -27.62
N GLU D 93 -34.51 7.35 -27.35
CA GLU D 93 -33.86 6.22 -26.72
C GLU D 93 -33.03 5.51 -27.75
N TYR D 94 -32.03 4.78 -27.32
CA TYR D 94 -31.21 4.11 -28.32
C TYR D 94 -31.94 2.90 -28.90
N PRO D 95 -31.62 2.51 -30.14
CA PRO D 95 -30.79 3.20 -31.11
C PRO D 95 -31.59 4.31 -31.73
N MET D 96 -30.95 5.43 -31.99
CA MET D 96 -31.66 6.59 -32.48
C MET D 96 -32.20 6.31 -33.89
N THR D 97 -31.45 5.50 -34.66
CA THR D 97 -31.90 5.06 -35.98
C THR D 97 -31.39 3.66 -36.21
N LEU D 98 -31.87 3.04 -37.28
CA LEU D 98 -31.36 1.76 -37.73
C LEU D 98 -30.51 1.91 -39.00
N SER D 99 -29.95 3.10 -39.23
CA SER D 99 -28.95 3.30 -40.29
C SER D 99 -28.08 4.50 -40.01
N LEU D 100 -26.81 4.40 -40.41
CA LEU D 100 -25.85 5.50 -40.24
C LEU D 100 -26.31 6.75 -41.00
N ALA D 101 -26.69 6.57 -42.27
CA ALA D 101 -27.08 7.69 -43.11
C ALA D 101 -28.16 8.51 -42.47
N ALA D 102 -29.19 7.84 -41.95
CA ALA D 102 -30.33 8.54 -41.33
C ALA D 102 -29.88 9.35 -40.08
N ALA D 103 -29.00 8.75 -39.27
CA ALA D 103 -28.47 9.46 -38.12
C ALA D 103 -27.70 10.72 -38.55
N GLN D 104 -26.94 10.63 -39.63
CA GLN D 104 -26.21 11.80 -40.15
C GLN D 104 -27.15 12.94 -40.58
N GLU D 105 -28.21 12.59 -41.30
CA GLU D 105 -29.16 13.58 -41.77
C GLU D 105 -29.84 14.23 -40.54
N LEU D 106 -30.20 13.43 -39.55
CA LEU D 106 -30.94 13.96 -38.42
C LEU D 106 -30.08 14.91 -37.62
N TRP D 107 -28.83 14.54 -37.40
CA TRP D 107 -27.91 15.42 -36.67
C TRP D 107 -27.76 16.72 -37.40
N GLU D 108 -27.51 16.64 -38.71
CA GLU D 108 -27.45 17.81 -39.60
C GLU D 108 -28.74 18.64 -39.56
N LEU D 109 -29.88 17.98 -39.45
CA LEU D 109 -31.15 18.72 -39.37
C LEU D 109 -31.22 19.51 -38.06
N ALA D 110 -30.90 18.84 -36.94
CA ALA D 110 -30.82 19.48 -35.61
C ALA D 110 -29.89 20.67 -35.62
N GLU D 111 -28.71 20.44 -36.15
CA GLU D 111 -27.72 21.51 -36.29
C GLU D 111 -28.34 22.71 -37.05
N GLN D 112 -28.98 22.43 -38.18
CA GLN D 112 -29.53 23.52 -38.98
C GLN D 112 -30.70 24.17 -38.22
N LYS D 113 -31.59 23.38 -37.65
CA LYS D 113 -32.76 23.96 -36.97
C LYS D 113 -32.39 24.53 -35.58
N GLY D 114 -31.13 24.40 -35.18
CA GLY D 114 -30.67 24.92 -33.90
C GLY D 114 -31.11 24.20 -32.64
N LYS D 115 -31.48 22.93 -32.72
CA LYS D 115 -32.01 22.21 -31.58
C LYS D 115 -31.10 21.13 -31.11
N VAL D 116 -31.34 20.64 -29.90
CA VAL D 116 -30.57 19.53 -29.34
C VAL D 116 -31.21 18.20 -29.71
N LEU D 117 -30.43 17.29 -30.27
CA LEU D 117 -30.82 15.91 -30.50
C LEU D 117 -29.95 15.09 -29.59
N HIS D 118 -30.51 14.14 -28.90
CA HIS D 118 -29.79 13.42 -27.88
C HIS D 118 -30.20 11.98 -27.87
N GLU D 119 -29.23 11.07 -28.06
CA GLU D 119 -29.47 9.63 -27.96
C GLU D 119 -29.19 9.26 -26.54
N GLU D 120 -30.16 8.65 -25.88
CA GLU D 120 -30.01 8.22 -24.50
C GLU D 120 -29.07 7.03 -24.42
N HIS D 121 -28.19 7.01 -23.41
CA HIS D 121 -27.31 5.88 -23.14
C HIS D 121 -27.20 5.56 -21.66
N VAL D 122 -28.29 5.05 -21.09
CA VAL D 122 -28.36 4.73 -19.67
C VAL D 122 -27.35 3.67 -19.28
N GLU D 123 -26.91 2.87 -20.25
CA GLU D 123 -25.96 1.81 -19.97
C GLU D 123 -24.61 2.37 -19.50
N LEU D 124 -24.28 3.59 -19.94
CA LEU D 124 -23.09 4.28 -19.41
C LEU D 124 -23.27 4.86 -18.01
N LEU D 125 -24.47 4.81 -17.47
CA LEU D 125 -24.72 5.31 -16.13
C LEU D 125 -25.03 4.19 -15.15
N MET D 126 -24.82 2.94 -15.54
CA MET D 126 -25.03 1.83 -14.63
C MET D 126 -23.84 1.64 -13.70
N GLU D 127 -24.08 1.00 -12.56
CA GLU D 127 -23.03 0.78 -11.55
C GLU D 127 -21.93 -0.12 -12.09
N GLU D 128 -22.36 -1.17 -12.75
CA GLU D 128 -21.46 -2.11 -13.36
C GLU D 128 -20.45 -1.36 -14.27
N PHE D 129 -20.92 -0.31 -14.93
CA PHE D 129 -20.05 0.46 -15.83
C PHE D 129 -19.17 1.43 -15.07
N ALA D 130 -19.74 2.05 -14.05
CA ALA D 130 -18.96 2.97 -13.24
C ALA D 130 -17.71 2.21 -12.80
N PHE D 131 -17.90 0.96 -12.40
CA PHE D 131 -16.84 0.10 -11.92
C PHE D 131 -15.82 -0.15 -13.00
N LEU D 132 -16.29 -0.62 -14.18
CA LEU D 132 -15.36 -0.96 -15.27
C LEU D 132 -14.57 0.28 -15.72
N LYS D 133 -15.21 1.44 -15.73
CA LYS D 133 -14.52 2.67 -16.14
C LYS D 133 -13.31 2.87 -15.26
N LYS D 134 -13.46 2.58 -13.97
CA LYS D 134 -12.34 2.66 -13.04
C LYS D 134 -11.30 1.53 -13.16
N GLU D 135 -11.74 0.32 -13.49
CA GLU D 135 -10.81 -0.81 -13.48
C GLU D 135 -9.92 -0.80 -14.70
N VAL D 136 -10.50 -0.48 -15.84
CA VAL D 136 -9.74 -0.47 -17.09
C VAL D 136 -8.69 0.66 -17.14
N VAL D 137 -8.93 1.72 -16.37
CA VAL D 137 -8.12 2.95 -16.37
C VAL D 137 -6.60 2.72 -16.52
N GLY D 138 -6.02 1.88 -15.68
CA GLY D 138 -4.58 1.75 -15.70
C GLY D 138 -4.01 0.80 -16.73
N LYS D 139 -4.82 0.24 -17.65
CA LYS D 139 -4.47 -1.05 -18.27
C LYS D 139 -4.24 -1.14 -19.79
N ASP D 140 -3.55 -2.19 -20.21
CA ASP D 140 -3.31 -2.51 -21.62
C ASP D 140 -3.90 -3.90 -21.95
N LEU D 141 -5.02 -3.91 -22.68
CA LEU D 141 -5.84 -5.12 -22.92
C LEU D 141 -5.27 -6.09 -23.94
N LEU D 142 -4.91 -7.29 -23.47
CA LEU D 142 -4.48 -8.39 -24.34
C LEU D 142 -5.66 -8.87 -25.22
N LYS D 143 -6.68 -9.50 -24.61
CA LYS D 143 -7.91 -9.94 -25.32
C LYS D 143 -9.08 -9.71 -24.41
N GLY D 144 -10.30 -9.84 -24.93
CA GLY D 144 -11.49 -9.59 -24.13
C GLY D 144 -12.78 -10.02 -24.78
N SER D 145 -13.81 -10.27 -23.97
CA SER D 145 -15.10 -10.79 -24.50
C SER D 145 -16.31 -10.42 -23.65
N LEU D 146 -17.43 -10.16 -24.32
CA LEU D 146 -18.66 -9.74 -23.67
C LEU D 146 -19.85 -10.47 -24.31
N LEU D 147 -20.58 -11.20 -23.49
CA LEU D 147 -21.76 -11.92 -23.95
C LEU D 147 -22.99 -11.39 -23.22
N PHE D 148 -24.04 -11.13 -23.98
CA PHE D 148 -25.31 -10.69 -23.40
C PHE D 148 -26.42 -11.59 -23.88
N THR D 149 -27.17 -12.13 -22.94
CA THR D 149 -28.28 -13.01 -23.26
C THR D 149 -29.59 -12.37 -22.82
N ALA D 150 -30.66 -12.73 -23.53
CA ALA D 150 -31.99 -12.20 -23.29
C ALA D 150 -33.05 -13.07 -23.98
N GLY D 151 -34.32 -12.68 -23.83
CA GLY D 151 -35.42 -13.35 -24.47
C GLY D 151 -35.54 -12.89 -25.90
N PRO D 152 -36.40 -13.55 -26.70
CA PRO D 152 -36.52 -13.17 -28.12
C PRO D 152 -37.05 -11.74 -28.28
N LEU D 153 -36.67 -11.08 -29.37
CA LEU D 153 -37.03 -9.67 -29.62
C LEU D 153 -37.45 -9.52 -31.09
N GLU D 154 -38.57 -8.82 -31.33
CA GLU D 154 -39.12 -8.64 -32.67
C GLU D 154 -38.26 -7.72 -33.53
N GLU D 155 -37.46 -8.30 -34.42
CA GLU D 155 -36.54 -7.55 -35.25
C GLU D 155 -37.25 -6.53 -36.12
N GLU D 156 -38.50 -6.82 -36.49
CA GLU D 156 -39.30 -5.89 -37.30
C GLU D 156 -39.47 -4.54 -36.61
N ARG D 157 -39.38 -4.50 -35.28
CA ARG D 157 -39.66 -3.27 -34.53
C ARG D 157 -38.55 -2.77 -33.57
N PHE D 158 -37.66 -3.65 -33.16
CA PHE D 158 -36.47 -3.25 -32.39
C PHE D 158 -35.19 -3.39 -33.22
N GLY D 159 -35.31 -3.95 -34.43
CA GLY D 159 -34.21 -4.00 -35.40
C GLY D 159 -33.16 -5.05 -35.15
N PHE D 160 -32.24 -5.16 -36.11
CA PHE D 160 -31.16 -6.13 -36.06
C PHE D 160 -30.39 -6.05 -34.73
N PRO D 161 -29.92 -7.20 -34.19
CA PRO D 161 -29.35 -7.26 -32.83
C PRO D 161 -28.17 -6.30 -32.51
N ALA D 162 -27.29 -6.09 -33.47
CA ALA D 162 -26.22 -5.09 -33.34
C ALA D 162 -26.77 -3.69 -33.03
N PHE D 163 -27.99 -3.39 -33.46
CA PHE D 163 -28.64 -2.10 -33.11
C PHE D 163 -29.40 -2.17 -31.79
N SER D 164 -30.17 -3.24 -31.61
CA SER D 164 -30.93 -3.44 -30.38
C SER D 164 -30.03 -3.52 -29.19
N GLY D 165 -28.82 -4.06 -29.38
CA GLY D 165 -27.84 -4.19 -28.32
C GLY D 165 -26.65 -3.28 -28.51
N ILE D 166 -26.89 -2.11 -29.12
CA ILE D 166 -25.85 -1.11 -29.32
C ILE D 166 -25.25 -0.67 -27.98
N SER D 167 -26.03 -0.83 -26.92
CA SER D 167 -25.55 -0.59 -25.58
C SER D 167 -24.26 -1.37 -25.27
N ARG D 168 -24.25 -2.65 -25.59
CA ARG D 168 -23.08 -3.48 -25.32
C ARG D 168 -21.86 -3.00 -26.09
N LEU D 169 -22.11 -2.61 -27.33
CA LEU D 169 -21.06 -2.10 -28.18
C LEU D 169 -20.56 -0.81 -27.56
N THR D 170 -21.50 0.02 -27.10
CA THR D 170 -21.16 1.31 -26.50
C THR D 170 -20.23 1.16 -25.29
N TRP D 171 -20.39 0.08 -24.53
CA TRP D 171 -19.44 -0.20 -23.46
C TRP D 171 -18.04 -0.41 -24.05
N LEU D 172 -17.94 -1.38 -24.94
CA LEU D 172 -16.64 -1.77 -25.48
C LEU D 172 -15.94 -0.57 -26.09
N VAL D 173 -16.69 0.23 -26.84
CA VAL D 173 -16.10 1.42 -27.42
C VAL D 173 -15.70 2.46 -26.35
N SER D 174 -16.58 2.71 -25.39
CA SER D 174 -16.28 3.65 -24.29
C SER D 174 -15.09 3.25 -23.53
N LEU D 175 -14.95 1.94 -23.26
CA LEU D 175 -13.84 1.40 -22.46
C LEU D 175 -12.57 1.25 -23.23
N PHE D 176 -12.65 0.97 -24.52
CA PHE D 176 -11.45 0.58 -25.24
C PHE D 176 -11.19 1.37 -26.53
N GLY D 177 -11.88 2.48 -26.73
CA GLY D 177 -11.65 3.35 -27.90
C GLY D 177 -12.33 2.86 -29.15
N GLU D 178 -12.08 3.51 -30.28
CA GLU D 178 -12.76 3.14 -31.52
C GLU D 178 -12.28 1.78 -31.97
N LEU D 179 -13.23 0.99 -32.48
CA LEU D 179 -12.99 -0.39 -32.85
C LEU D 179 -13.24 -0.62 -34.35
N SER D 180 -12.63 -1.68 -34.89
CA SER D 180 -12.85 -2.09 -36.29
C SER D 180 -13.35 -3.54 -36.34
N LEU D 181 -14.06 -3.85 -37.42
CA LEU D 181 -14.72 -5.14 -37.58
C LEU D 181 -13.78 -6.11 -38.29
N VAL D 182 -13.53 -7.27 -37.70
CA VAL D 182 -12.77 -8.28 -38.38
C VAL D 182 -13.75 -9.26 -39.01
N SER D 183 -14.73 -9.72 -38.24
CA SER D 183 -15.71 -10.66 -38.75
C SER D 183 -16.97 -10.64 -37.92
N ALA D 184 -18.01 -11.29 -38.45
CA ALA D 184 -19.33 -11.30 -37.81
C ALA D 184 -20.19 -12.40 -38.40
N THR D 185 -20.57 -13.39 -37.58
CA THR D 185 -21.45 -14.51 -37.99
C THR D 185 -22.82 -14.42 -37.25
N LEU D 186 -23.87 -15.00 -37.82
CA LEU D 186 -25.21 -14.97 -37.21
C LEU D 186 -26.03 -16.23 -37.48
N GLU D 187 -26.43 -16.93 -36.41
CA GLU D 187 -27.34 -18.10 -36.51
C GLU D 187 -28.81 -17.69 -36.23
N GLU D 188 -29.73 -18.05 -37.12
CA GLU D 188 -31.20 -17.90 -36.89
C GLU D 188 -32.00 -19.22 -37.11
N ARG D 189 -33.19 -19.30 -36.52
CA ARG D 189 -34.02 -20.53 -36.51
C ARG D 189 -35.30 -20.33 -37.31
N TYR D 194 -34.93 -19.01 -31.58
CA TYR D 194 -33.71 -18.47 -31.01
C TYR D 194 -32.76 -17.90 -32.08
N MET D 195 -31.71 -17.24 -31.59
CA MET D 195 -30.75 -16.48 -32.40
C MET D 195 -29.44 -16.11 -31.64
N LYS D 196 -28.31 -16.19 -32.34
CA LYS D 196 -27.00 -15.88 -31.76
C LYS D 196 -26.15 -15.07 -32.73
N MET D 197 -25.67 -13.92 -32.30
CA MET D 197 -24.80 -13.07 -33.12
C MET D 197 -23.38 -13.06 -32.52
N THR D 198 -22.41 -13.50 -33.32
CA THR D 198 -21.01 -13.52 -32.93
C THR D 198 -20.25 -12.48 -33.72
N VAL D 199 -19.72 -11.47 -33.03
CA VAL D 199 -18.93 -10.42 -33.68
C VAL D 199 -17.45 -10.47 -33.20
N CYS D 200 -16.55 -10.06 -34.08
CA CYS D 200 -15.14 -9.92 -33.77
C CYS D 200 -14.67 -8.54 -34.13
N LEU D 201 -14.16 -7.84 -33.12
CA LEU D 201 -13.71 -6.47 -33.28
C LEU D 201 -12.23 -6.43 -32.90
N GLU D 202 -11.52 -5.39 -33.35
CA GLU D 202 -10.15 -5.10 -32.89
C GLU D 202 -10.08 -3.63 -32.39
N THR D 203 -9.14 -3.37 -31.49
CA THR D 203 -8.87 -2.02 -30.98
C THR D 203 -7.83 -1.33 -31.85
N GLU D 204 -7.65 -0.01 -31.73
CA GLU D 204 -6.59 0.66 -32.50
C GLU D 204 -5.22 -0.02 -32.32
N LYS D 205 -4.90 -0.45 -31.09
CA LYS D 205 -3.65 -1.22 -30.82
C LYS D 205 -3.76 -2.69 -31.28
N LYS D 206 -4.83 -3.00 -32.00
CA LYS D 206 -5.00 -4.26 -32.71
C LYS D 206 -5.26 -5.48 -31.82
N SER D 207 -5.88 -5.29 -30.66
CA SER D 207 -6.16 -6.41 -29.75
C SER D 207 -7.62 -6.88 -29.84
N PRO D 208 -7.88 -8.21 -29.80
CA PRO D 208 -9.18 -8.77 -30.15
C PRO D 208 -10.25 -8.65 -29.08
N LEU D 209 -11.42 -8.19 -29.47
CA LEU D 209 -12.61 -8.14 -28.60
C LEU D 209 -13.68 -8.97 -29.25
N SER D 210 -14.33 -9.83 -28.47
CA SER D 210 -15.39 -10.65 -29.00
C SER D 210 -16.69 -10.23 -28.35
N TRP D 211 -17.73 -10.09 -29.16
CA TRP D 211 -19.01 -9.60 -28.68
C TRP D 211 -20.11 -10.53 -29.16
N ILE D 212 -20.88 -11.07 -28.23
CA ILE D 212 -21.97 -11.98 -28.59
C ILE D 212 -23.29 -11.59 -27.96
N GLU D 213 -24.33 -11.57 -28.78
CA GLU D 213 -25.69 -11.38 -28.29
C GLU D 213 -26.41 -12.69 -28.59
N GLU D 214 -26.97 -13.31 -27.56
CA GLU D 214 -27.78 -14.52 -27.69
C GLU D 214 -29.20 -14.22 -27.22
N LYS D 215 -30.18 -14.51 -28.07
CA LYS D 215 -31.58 -14.28 -27.76
C LYS D 215 -32.40 -15.54 -28.05
N GLY D 216 -33.06 -16.07 -27.04
CA GLY D 216 -33.95 -17.21 -27.21
C GLY D 216 -34.92 -17.35 -26.06
N PRO D 217 -35.86 -18.31 -26.17
CA PRO D 217 -36.83 -18.51 -25.10
C PRO D 217 -36.21 -19.23 -23.93
N GLY D 218 -36.72 -18.97 -22.73
CA GLY D 218 -36.17 -19.53 -21.50
C GLY D 218 -34.83 -18.95 -21.05
N LEU D 219 -34.37 -17.89 -21.73
CA LEU D 219 -33.07 -17.30 -21.45
C LEU D 219 -33.21 -16.07 -20.56
N LYS D 220 -32.69 -16.18 -19.33
CA LYS D 220 -32.73 -15.10 -18.37
C LYS D 220 -31.79 -13.97 -18.80
N ARG D 221 -32.35 -12.79 -19.03
CA ARG D 221 -31.57 -11.60 -19.32
C ARG D 221 -30.30 -11.56 -18.46
N ASN D 222 -29.13 -11.70 -19.08
CA ASN D 222 -27.84 -11.73 -18.35
C ASN D 222 -26.67 -11.18 -19.15
N ARG D 223 -25.63 -10.76 -18.42
CA ARG D 223 -24.39 -10.26 -19.00
C ARG D 223 -23.20 -11.08 -18.43
N TYR D 224 -22.26 -11.42 -19.30
CA TYR D 224 -21.05 -12.17 -18.93
C TYR D 224 -19.84 -11.52 -19.61
N LEU D 225 -18.76 -11.38 -18.87
CA LEU D 225 -17.71 -10.46 -19.27
C LEU D 225 -16.39 -10.99 -18.84
N SER D 226 -15.40 -10.95 -19.73
CA SER D 226 -14.05 -11.40 -19.38
C SER D 226 -12.97 -10.61 -20.10
N PHE D 227 -12.15 -9.88 -19.33
CA PHE D 227 -11.09 -9.05 -19.89
C PHE D 227 -9.71 -9.50 -19.40
N HIS D 228 -8.76 -9.54 -20.33
CA HIS D 228 -7.40 -9.93 -20.04
C HIS D 228 -6.47 -8.76 -20.37
N PHE D 229 -5.57 -8.45 -19.44
CA PHE D 229 -4.60 -7.37 -19.61
C PHE D 229 -3.21 -7.92 -19.45
N LYS D 230 -2.21 -7.08 -19.73
CA LYS D 230 -0.81 -7.46 -19.57
C LYS D 230 -0.55 -7.74 -18.06
N SER D 231 -1.34 -7.05 -17.23
CA SER D 231 -1.23 -7.06 -15.76
C SER D 231 -1.96 -8.22 -15.07
N GLY D 232 -3.01 -8.72 -15.69
CA GLY D 232 -3.87 -9.70 -15.09
C GLY D 232 -5.20 -9.70 -15.82
N SER D 233 -6.17 -10.38 -15.23
CA SER D 233 -7.49 -10.54 -15.85
C SER D 233 -8.65 -10.21 -14.91
N LEU D 234 -9.83 -10.06 -15.51
CA LEU D 234 -11.08 -9.80 -14.79
C LEU D 234 -12.13 -10.74 -15.32
N GLU D 235 -12.54 -11.74 -14.53
CA GLU D 235 -13.51 -12.76 -15.01
C GLU D 235 -14.98 -12.34 -14.73
N ASN D 236 -15.19 -11.53 -13.70
CA ASN D 236 -16.54 -11.09 -13.34
C ASN D 236 -16.52 -9.63 -13.02
N VAL D 237 -17.64 -8.95 -13.18
CA VAL D 237 -17.86 -7.77 -12.37
C VAL D 237 -18.32 -8.27 -10.99
N PRO D 238 -17.73 -7.76 -9.89
CA PRO D 238 -18.21 -8.18 -8.58
C PRO D 238 -19.54 -7.50 -8.26
N ASN D 239 -20.17 -7.89 -7.17
CA ASN D 239 -21.40 -7.26 -6.73
C ASN D 239 -21.03 -5.82 -6.39
N VAL D 240 -21.61 -4.86 -7.11
CA VAL D 240 -21.36 -3.42 -6.89
C VAL D 240 -22.69 -2.68 -6.68
N GLY D 241 -23.69 -3.40 -6.17
CA GLY D 241 -24.99 -2.79 -5.87
C GLY D 241 -25.90 -2.64 -7.08
N VAL D 242 -27.10 -2.12 -6.84
CA VAL D 242 -28.15 -2.00 -7.86
C VAL D 242 -28.17 -0.62 -8.55
N ASN D 243 -28.53 -0.61 -9.83
CA ASN D 243 -28.62 0.64 -10.59
C ASN D 243 -29.60 1.60 -9.95
N LYS D 244 -29.28 2.90 -10.00
CA LYS D 244 -30.13 3.90 -9.39
C LYS D 244 -30.41 5.03 -10.39
N ASN D 245 -31.69 5.13 -10.78
CA ASN D 245 -32.18 6.21 -11.64
C ASN D 245 -31.36 6.46 -12.88
N ILE D 246 -30.94 5.40 -13.54
CA ILE D 246 -30.18 5.59 -14.74
C ILE D 246 -30.95 6.49 -15.72
N PHE D 247 -32.24 6.29 -15.89
CA PHE D 247 -33.00 7.18 -16.79
C PHE D 247 -32.96 8.62 -16.32
N LEU D 248 -33.27 8.87 -15.05
CA LEU D 248 -33.27 10.26 -14.59
C LEU D 248 -31.90 10.91 -14.86
N LYS D 249 -30.85 10.14 -14.58
CA LYS D 249 -29.52 10.62 -14.81
C LYS D 249 -29.31 11.00 -16.27
N ASP D 250 -29.93 10.28 -17.21
CA ASP D 250 -29.83 10.64 -18.61
C ASP D 250 -30.57 11.91 -18.90
N GLN D 251 -31.71 12.09 -18.27
CA GLN D 251 -32.48 13.30 -18.44
C GLN D 251 -31.65 14.47 -18.04
N ASN D 252 -30.89 14.29 -16.98
CA ASN D 252 -30.09 15.35 -16.45
C ASN D 252 -29.03 15.77 -17.47
N ILE D 253 -28.38 14.83 -18.14
CA ILE D 253 -27.45 15.18 -19.23
C ILE D 253 -28.19 15.97 -20.34
N PHE D 254 -29.40 15.54 -20.65
CA PHE D 254 -30.19 16.23 -21.64
C PHE D 254 -30.45 17.69 -21.22
N VAL D 255 -30.94 17.87 -19.99
CA VAL D 255 -31.25 19.22 -19.54
C VAL D 255 -29.97 20.09 -19.56
N GLN D 256 -28.83 19.47 -19.27
CA GLN D 256 -27.57 20.21 -19.31
C GLN D 256 -27.26 20.69 -20.73
N LYS D 257 -27.64 19.90 -21.72
CA LYS D 257 -27.50 20.31 -23.10
C LYS D 257 -28.47 21.44 -23.43
N LEU D 258 -29.76 21.28 -23.06
CA LEU D 258 -30.72 22.40 -23.22
C LEU D 258 -30.19 23.70 -22.63
N LEU D 259 -29.43 23.63 -21.53
CA LEU D 259 -28.89 24.83 -20.91
C LEU D 259 -27.48 25.19 -21.39
N GLY D 260 -26.99 24.46 -22.39
CA GLY D 260 -25.65 24.70 -22.97
C GLY D 260 -24.47 24.46 -22.07
N GLN D 261 -24.63 23.63 -21.04
CA GLN D 261 -23.59 23.51 -20.03
C GLN D 261 -22.48 22.57 -20.50
N PHE D 262 -22.57 22.04 -21.71
CA PHE D 262 -21.44 21.29 -22.28
C PHE D 262 -20.67 22.04 -23.32
N SER D 263 -19.39 21.70 -23.48
CA SER D 263 -18.50 22.34 -24.44
C SER D 263 -18.68 21.79 -25.83
N GLU D 264 -18.23 22.56 -26.82
CA GLU D 264 -18.22 22.12 -28.22
C GLU D 264 -17.33 20.86 -28.31
N LYS D 265 -16.16 20.91 -27.69
CA LYS D 265 -15.28 19.73 -27.65
C LYS D 265 -16.07 18.49 -27.23
N GLU D 266 -16.83 18.60 -26.13
CA GLU D 266 -17.54 17.47 -25.52
C GLU D 266 -18.67 16.93 -26.40
N LEU D 267 -19.55 17.82 -26.83
CA LEU D 267 -20.65 17.44 -27.69
C LEU D 267 -20.12 16.81 -29.01
N ALA D 268 -19.01 17.31 -29.54
CA ALA D 268 -18.35 16.70 -30.70
C ALA D 268 -17.85 15.28 -30.46
N ALA D 269 -17.16 15.06 -29.35
CA ALA D 269 -16.71 13.71 -28.99
C ALA D 269 -17.90 12.74 -28.92
N GLU D 270 -19.01 13.18 -28.34
CA GLU D 270 -20.17 12.31 -28.20
C GLU D 270 -20.78 11.93 -29.58
N LYS D 271 -21.01 12.94 -30.41
CA LYS D 271 -21.56 12.72 -31.74
C LYS D 271 -20.69 11.72 -32.48
N LYS D 272 -19.38 11.93 -32.43
CA LYS D 272 -18.47 11.07 -33.12
C LYS D 272 -18.63 9.64 -32.63
N ARG D 273 -18.74 9.47 -31.33
CA ARG D 273 -18.84 8.12 -30.78
C ARG D 273 -20.15 7.48 -31.17
N ILE D 274 -21.24 8.21 -31.05
CA ILE D 274 -22.51 7.60 -31.39
C ILE D 274 -22.47 7.11 -32.82
N LEU D 275 -22.05 8.00 -33.74
CA LEU D 275 -21.97 7.63 -35.14
C LEU D 275 -21.01 6.47 -35.39
N HIS D 276 -19.91 6.41 -34.64
CA HIS D 276 -18.99 5.27 -34.73
C HIS D 276 -19.69 3.95 -34.52
N CYS D 277 -20.57 3.94 -33.52
CA CYS D 277 -21.30 2.75 -33.16
C CYS D 277 -22.39 2.41 -34.14
N LEU D 278 -23.17 3.41 -34.51
CA LEU D 278 -24.19 3.19 -35.50
C LEU D 278 -23.55 2.57 -36.76
N GLY D 279 -22.45 3.18 -37.20
CA GLY D 279 -21.68 2.68 -38.32
C GLY D 279 -21.27 1.23 -38.18
N LEU D 280 -20.73 0.84 -37.02
CA LEU D 280 -20.35 -0.55 -36.78
C LEU D 280 -21.55 -1.49 -36.84
N ALA D 281 -22.63 -1.13 -36.15
CA ALA D 281 -23.88 -1.90 -36.22
C ALA D 281 -24.23 -2.18 -37.67
N GLU D 282 -24.11 -1.16 -38.52
CA GLU D 282 -24.36 -1.32 -39.95
C GLU D 282 -23.31 -2.25 -40.61
N GLU D 283 -22.02 -1.96 -40.42
CA GLU D 283 -20.95 -2.80 -40.99
C GLU D 283 -21.16 -4.25 -40.58
N ILE D 284 -21.59 -4.47 -39.34
CA ILE D 284 -21.87 -5.84 -38.85
C ILE D 284 -23.05 -6.48 -39.58
N GLN D 285 -24.15 -5.73 -39.69
CA GLN D 285 -25.36 -6.22 -40.38
C GLN D 285 -25.07 -6.61 -41.84
N LYS D 286 -24.31 -5.79 -42.56
CA LYS D 286 -23.80 -6.18 -43.89
C LYS D 286 -23.09 -7.52 -43.79
N TYR D 287 -21.96 -7.59 -43.08
CA TYR D 287 -21.20 -8.86 -42.98
C TYR D 287 -22.13 -9.99 -42.50
N CYS D 288 -22.84 -9.82 -41.38
CA CYS D 288 -23.87 -10.81 -40.99
C CYS D 288 -24.87 -11.20 -42.15
N CYS D 289 -24.67 -10.71 -43.38
CA CYS D 289 -25.54 -11.01 -44.51
C CYS D 289 -24.84 -10.76 -45.86
N SER D 290 -23.61 -11.28 -46.01
CA SER D 290 -22.77 -11.12 -47.22
C SER D 290 -22.28 -12.45 -47.79
#